data_2F1Z
#
_entry.id   2F1Z
#
_cell.length_a   97.625
_cell.length_b   219.858
_cell.length_c   130.546
_cell.angle_alpha   90.00
_cell.angle_beta   90.00
_cell.angle_gamma   90.00
#
_symmetry.space_group_name_H-M   'C 2 2 21'
#
loop_
_entity.id
_entity.type
_entity.pdbx_description
1 polymer 'Ubiquitin carboxyl-terminal hydrolase 7'
2 water water
#
_entity_poly.entity_id   1
_entity_poly.type   'polypeptide(L)'
_entity_poly.pdbx_seq_one_letter_code
;GSHMNGNVALSDGHNTAEEDMEDDTSWRSEATFQFTVERFSRLSESVLSPPCFVRNLPWKIMVMPRFYPDRPHQKSVGFF
LQCNAESDSTSWSCHAQAVLKIINYRDDEKSFSRRISHLFFHKENDWGFSNFMAWSEVTDPEKGFIDDDKVTFEVFVQAD
APHGVAWDSKKHTGYVGLKNQGATCYMNSLLQTLFFTNQLRKAVYMMPTEGDDSSKSVPLALQRVFYELQHSDKPVGTKK
LTKSFGWETLDSFMQHDVQELCRVLLDNVENKMKGTCVEGTIPKLFRGKMVSYIQCKEVDYRSDRREDYYDIQLSIKGKK
NIFESFVDYVAVEQLDGDNKYDAGEHGLQEAEKGVKFLTLPPVLHLQLMRFMYDPQTDQNIKINDRFEFPEQLPLDEFLQ
KTDPKDPANYILHAVLVHSGDNHGGHYVVYLNPKGDGKWCKFDDDVVSRCTKEEAIEHNYGGHDDDLSVRHCTNAYMLVY
IRESKLSEVLQAVTDHDIPQQLVERLQEEKRIEAQKRKERQE
;
_entity_poly.pdbx_strand_id   A,B
#
# COMPACT_ATOMS: atom_id res chain seq x y z
N SER A 26 2.71 -32.25 15.77
CA SER A 26 3.62 -32.78 14.71
C SER A 26 3.49 -32.02 13.40
N TRP A 27 2.25 -31.82 12.97
CA TRP A 27 1.97 -31.11 11.71
C TRP A 27 2.07 -29.60 11.85
N ARG A 28 2.94 -29.11 12.74
CA ARG A 28 3.08 -27.67 12.94
C ARG A 28 3.37 -26.91 11.64
N SER A 29 3.09 -25.61 11.66
CA SER A 29 3.29 -24.76 10.49
C SER A 29 4.70 -24.20 10.38
N GLU A 30 5.47 -24.36 11.44
CA GLU A 30 6.84 -23.88 11.44
C GLU A 30 7.54 -24.22 12.75
N ALA A 31 8.85 -23.99 12.78
CA ALA A 31 9.64 -24.30 13.97
C ALA A 31 11.12 -23.97 13.78
N THR A 32 11.90 -24.20 14.82
CA THR A 32 13.34 -23.97 14.82
C THR A 32 14.01 -25.17 15.49
N PHE A 33 15.13 -25.62 14.95
CA PHE A 33 15.85 -26.76 15.53
C PHE A 33 17.36 -26.64 15.36
N GLN A 34 18.10 -27.23 16.30
CA GLN A 34 19.56 -27.19 16.29
C GLN A 34 20.25 -28.51 15.99
N PHE A 35 21.48 -28.39 15.49
CA PHE A 35 22.33 -29.51 15.16
C PHE A 35 23.76 -29.05 15.30
N THR A 36 24.49 -29.62 16.26
CA THR A 36 25.87 -29.23 16.50
C THR A 36 26.90 -30.27 16.08
N VAL A 37 27.87 -29.81 15.29
CA VAL A 37 28.94 -30.67 14.79
C VAL A 37 30.17 -30.60 15.68
N GLU A 38 30.47 -31.70 16.34
CA GLU A 38 31.63 -31.76 17.22
C GLU A 38 32.83 -32.14 16.35
N ARG A 39 34.03 -31.76 16.79
CA ARG A 39 35.23 -32.09 16.04
C ARG A 39 35.05 -31.61 14.60
N PHE A 40 34.93 -30.30 14.43
CA PHE A 40 34.71 -29.69 13.12
C PHE A 40 35.95 -29.58 12.23
N SER A 41 36.91 -28.74 12.61
CA SER A 41 38.12 -28.54 11.81
C SER A 41 38.58 -29.83 11.12
N ARG A 42 38.57 -30.94 11.85
CA ARG A 42 38.97 -32.22 11.30
C ARG A 42 37.80 -32.91 10.62
N LEU A 43 37.09 -32.17 9.77
CA LEU A 43 35.94 -32.73 9.06
C LEU A 43 36.35 -33.11 7.64
N SER A 44 35.76 -34.20 7.16
CA SER A 44 36.05 -34.69 5.83
C SER A 44 34.82 -34.94 4.96
N GLU A 45 33.70 -35.28 5.59
CA GLU A 45 32.48 -35.57 4.84
C GLU A 45 31.19 -34.87 5.30
N SER A 46 30.07 -35.27 4.69
CA SER A 46 28.75 -34.70 4.97
C SER A 46 28.00 -35.33 6.14
N VAL A 47 27.53 -34.47 7.06
CA VAL A 47 26.79 -34.92 8.23
C VAL A 47 25.31 -34.51 8.26
N LEU A 48 24.45 -35.52 8.30
CA LEU A 48 23.00 -35.33 8.35
C LEU A 48 22.56 -35.25 9.80
N SER A 49 21.76 -34.24 10.11
CA SER A 49 21.28 -34.04 11.47
C SER A 49 20.11 -34.94 11.82
N PRO A 50 19.74 -34.99 13.11
CA PRO A 50 18.61 -35.83 13.50
C PRO A 50 17.36 -35.03 13.13
N PRO A 51 16.45 -35.65 12.37
CA PRO A 51 15.19 -35.03 11.91
C PRO A 51 14.30 -34.28 12.91
N CYS A 52 13.80 -33.14 12.43
CA CYS A 52 12.88 -32.26 13.15
C CYS A 52 11.64 -32.35 12.27
N PHE A 53 10.46 -32.36 12.88
CA PHE A 53 9.25 -32.47 12.06
C PHE A 53 8.41 -31.21 11.92
N VAL A 54 7.93 -31.00 10.70
CA VAL A 54 7.08 -29.85 10.36
C VAL A 54 6.14 -30.29 9.25
N ARG A 55 4.85 -30.06 9.45
CA ARG A 55 3.83 -30.43 8.49
C ARG A 55 3.80 -31.94 8.30
N ASN A 56 4.47 -32.63 9.23
CA ASN A 56 4.56 -34.08 9.23
C ASN A 56 5.60 -34.52 8.21
N LEU A 57 6.73 -33.82 8.21
CA LEU A 57 7.83 -34.11 7.29
C LEU A 57 9.18 -34.00 8.00
N PRO A 58 10.10 -34.92 7.70
CA PRO A 58 11.44 -34.91 8.31
C PRO A 58 12.40 -33.87 7.77
N TRP A 59 12.42 -32.68 8.36
CA TRP A 59 13.32 -31.63 7.91
C TRP A 59 14.67 -31.72 8.62
N LYS A 60 15.72 -32.08 7.87
CA LYS A 60 17.07 -32.24 8.43
C LYS A 60 18.06 -31.15 8.00
N ILE A 61 19.16 -31.05 8.74
CA ILE A 61 20.20 -30.08 8.43
C ILE A 61 21.39 -30.80 7.82
N MET A 62 22.11 -30.12 6.92
CA MET A 62 23.27 -30.71 6.27
C MET A 62 24.49 -29.81 6.36
N VAL A 63 25.64 -30.40 6.63
CA VAL A 63 26.90 -29.66 6.73
C VAL A 63 28.00 -30.49 6.07
N MET A 64 28.65 -29.92 5.06
CA MET A 64 29.73 -30.60 4.36
C MET A 64 30.68 -29.58 3.76
N PRO A 65 31.98 -29.83 3.81
CA PRO A 65 32.96 -28.89 3.25
C PRO A 65 33.00 -29.04 1.73
N ARG A 66 33.68 -28.12 1.05
CA ARG A 66 33.76 -28.20 -0.41
C ARG A 66 35.04 -27.56 -0.96
N LYS A 75 38.79 -23.45 0.50
CA LYS A 75 37.89 -24.33 1.25
C LYS A 75 36.71 -23.53 1.82
N SER A 76 35.53 -24.14 1.85
CA SER A 76 34.32 -23.48 2.35
C SER A 76 33.43 -24.40 3.19
N VAL A 77 32.42 -23.80 3.83
CA VAL A 77 31.48 -24.53 4.71
C VAL A 77 30.09 -24.72 4.13
N GLY A 78 29.70 -25.97 3.89
CA GLY A 78 28.39 -26.22 3.32
C GLY A 78 27.30 -26.07 4.36
N PHE A 79 26.09 -25.81 3.87
CA PHE A 79 24.93 -25.66 4.74
C PHE A 79 23.67 -25.70 3.89
N PHE A 80 22.88 -26.76 4.09
CA PHE A 80 21.65 -26.94 3.35
C PHE A 80 20.55 -27.43 4.28
N LEU A 81 19.33 -27.51 3.75
CA LEU A 81 18.20 -28.00 4.51
C LEU A 81 17.65 -29.17 3.69
N GLN A 82 17.54 -30.34 4.32
CA GLN A 82 17.02 -31.50 3.62
C GLN A 82 15.57 -31.68 3.98
N CYS A 83 14.77 -32.23 3.08
CA CYS A 83 13.37 -32.39 3.39
C CYS A 83 12.72 -33.68 2.94
N ASN A 84 12.46 -34.57 3.88
CA ASN A 84 11.83 -35.85 3.56
C ASN A 84 12.55 -36.52 2.41
N ALA A 85 13.88 -36.42 2.40
CA ALA A 85 14.70 -36.99 1.34
C ALA A 85 14.72 -38.52 1.34
N GLU A 86 14.49 -39.10 2.51
CA GLU A 86 14.54 -40.55 2.64
C GLU A 86 13.27 -41.28 2.16
N SER A 87 12.18 -40.53 1.95
CA SER A 87 10.96 -41.14 1.44
C SER A 87 11.16 -41.52 -0.02
N ASP A 88 10.63 -42.68 -0.41
CA ASP A 88 10.75 -43.11 -1.79
C ASP A 88 9.87 -42.26 -2.71
N SER A 89 8.58 -42.22 -2.41
CA SER A 89 7.58 -41.46 -3.17
C SER A 89 8.07 -40.33 -4.06
N THR A 90 7.41 -40.17 -5.20
CA THR A 90 7.74 -39.13 -6.16
C THR A 90 6.57 -38.15 -6.31
N SER A 91 5.47 -38.47 -5.62
CA SER A 91 4.28 -37.63 -5.67
C SER A 91 4.03 -36.95 -4.33
N TRP A 92 4.81 -35.91 -4.07
CA TRP A 92 4.70 -35.17 -2.83
C TRP A 92 5.46 -33.88 -3.05
N SER A 93 5.09 -32.84 -2.32
CA SER A 93 5.74 -31.55 -2.47
C SER A 93 5.41 -30.64 -1.31
N CYS A 94 6.41 -29.91 -0.87
CA CYS A 94 6.22 -29.00 0.22
C CYS A 94 7.03 -27.76 -0.10
N HIS A 95 6.45 -26.59 0.14
CA HIS A 95 7.16 -25.34 -0.11
C HIS A 95 7.54 -24.81 1.27
N ALA A 96 8.51 -23.91 1.33
CA ALA A 96 8.92 -23.40 2.63
C ALA A 96 9.97 -22.30 2.63
N GLN A 97 9.92 -21.45 3.66
CA GLN A 97 10.86 -20.35 3.86
C GLN A 97 11.88 -20.94 4.82
N ALA A 98 12.95 -20.21 5.12
CA ALA A 98 13.94 -20.74 6.06
C ALA A 98 15.06 -19.76 6.40
N VAL A 99 15.67 -20.00 7.56
CA VAL A 99 16.75 -19.18 8.06
C VAL A 99 17.90 -20.05 8.55
N LEU A 100 18.80 -20.42 7.64
CA LEU A 100 19.95 -21.22 8.02
C LEU A 100 20.88 -20.36 8.86
N LYS A 101 20.93 -20.64 10.16
CA LYS A 101 21.73 -19.86 11.10
C LYS A 101 22.86 -20.58 11.81
N ILE A 102 24.03 -19.95 11.83
CA ILE A 102 25.18 -20.48 12.54
C ILE A 102 25.33 -19.62 13.78
N ILE A 103 25.22 -20.25 14.94
CA ILE A 103 25.30 -19.54 16.21
C ILE A 103 26.69 -19.09 16.63
N ASN A 104 26.74 -17.89 17.21
CA ASN A 104 27.97 -17.28 17.69
C ASN A 104 28.03 -17.42 19.21
N TYR A 105 28.97 -18.23 19.68
CA TYR A 105 29.15 -18.50 21.10
C TYR A 105 29.59 -17.29 21.90
N ARG A 106 29.56 -16.11 21.26
CA ARG A 106 29.96 -14.87 21.92
C ARG A 106 28.81 -13.88 21.96
N ASP A 107 27.85 -14.05 21.06
CA ASP A 107 26.70 -13.16 20.99
C ASP A 107 25.79 -13.56 19.84
N ASP A 108 24.52 -13.79 20.15
CA ASP A 108 23.53 -14.20 19.15
C ASP A 108 23.35 -13.24 17.97
N GLU A 109 23.40 -11.94 18.22
CA GLU A 109 23.21 -10.96 17.15
C GLU A 109 24.41 -10.86 16.21
N LYS A 110 25.47 -11.61 16.51
CA LYS A 110 26.66 -11.61 15.67
C LYS A 110 26.68 -12.90 14.82
N SER A 111 25.71 -13.76 15.04
CA SER A 111 25.61 -15.00 14.28
C SER A 111 25.41 -14.65 12.82
N PHE A 112 25.84 -15.54 11.93
CA PHE A 112 25.71 -15.31 10.49
C PHE A 112 24.68 -16.28 9.91
N SER A 113 23.60 -15.74 9.38
CA SER A 113 22.54 -16.54 8.79
C SER A 113 22.07 -15.95 7.47
N ARG A 114 21.41 -16.79 6.66
CA ARG A 114 20.91 -16.38 5.36
C ARG A 114 19.44 -16.80 5.22
N ARG A 115 18.81 -16.42 4.10
CA ARG A 115 17.40 -16.75 3.87
C ARG A 115 17.23 -17.62 2.63
N ILE A 116 16.28 -18.55 2.68
CA ILE A 116 16.02 -19.42 1.55
C ILE A 116 14.55 -19.80 1.37
N SER A 117 14.12 -19.79 0.13
CA SER A 117 12.77 -20.16 -0.23
C SER A 117 12.98 -21.21 -1.31
N HIS A 118 12.18 -22.26 -1.26
CA HIS A 118 12.35 -23.33 -2.22
C HIS A 118 11.17 -24.31 -2.23
N LEU A 119 11.01 -24.98 -3.36
CA LEU A 119 9.97 -25.96 -3.52
C LEU A 119 10.71 -27.27 -3.38
N PHE A 120 10.29 -28.09 -2.42
CA PHE A 120 10.94 -29.36 -2.20
C PHE A 120 10.16 -30.53 -2.73
N PHE A 121 10.89 -31.51 -3.25
CA PHE A 121 10.34 -32.75 -3.77
C PHE A 121 11.54 -33.57 -4.21
N HIS A 122 11.50 -34.86 -3.92
CA HIS A 122 12.60 -35.79 -4.21
C HIS A 122 13.68 -35.27 -5.16
N LYS A 123 13.36 -35.14 -6.44
CA LYS A 123 14.35 -34.68 -7.40
C LYS A 123 15.17 -33.49 -6.90
N GLU A 124 14.60 -32.69 -5.98
CA GLU A 124 15.28 -31.52 -5.39
C GLU A 124 14.88 -31.39 -3.92
N ASN A 125 15.15 -32.45 -3.16
CA ASN A 125 14.82 -32.55 -1.73
C ASN A 125 15.80 -31.84 -0.82
N ASP A 126 16.75 -31.12 -1.40
CA ASP A 126 17.74 -30.43 -0.61
C ASP A 126 18.09 -29.09 -1.25
N TRP A 127 18.19 -28.06 -0.43
CA TRP A 127 18.52 -26.72 -0.89
C TRP A 127 19.41 -26.05 0.13
N GLY A 128 20.07 -24.96 -0.26
CA GLY A 128 20.92 -24.28 0.69
C GLY A 128 22.06 -23.48 0.09
N PHE A 129 23.25 -23.69 0.61
CA PHE A 129 24.42 -22.97 0.14
C PHE A 129 25.66 -23.85 0.06
N SER A 130 26.41 -23.74 -1.04
CA SER A 130 27.62 -24.52 -1.18
C SER A 130 28.72 -23.71 -0.54
N ASN A 131 28.65 -22.40 -0.71
CA ASN A 131 29.63 -21.51 -0.13
C ASN A 131 28.87 -20.70 0.92
N PHE A 132 28.41 -21.40 1.95
CA PHE A 132 27.63 -20.77 3.03
C PHE A 132 28.45 -19.80 3.87
N MET A 133 29.75 -20.01 3.90
CA MET A 133 30.64 -19.17 4.68
C MET A 133 32.08 -19.54 4.36
N ALA A 134 32.99 -18.61 4.60
CA ALA A 134 34.41 -18.84 4.34
C ALA A 134 34.98 -19.70 5.48
N TRP A 135 35.33 -20.94 5.17
CA TRP A 135 35.88 -21.86 6.18
C TRP A 135 36.94 -21.20 7.07
N SER A 136 37.72 -20.30 6.50
CA SER A 136 38.77 -19.62 7.25
C SER A 136 38.22 -18.64 8.30
N GLU A 137 36.92 -18.34 8.20
CA GLU A 137 36.26 -17.43 9.13
C GLU A 137 35.47 -18.17 10.20
N VAL A 138 34.94 -19.33 9.85
CA VAL A 138 34.17 -20.13 10.78
C VAL A 138 35.11 -20.89 11.71
N THR A 139 36.41 -20.85 11.41
CA THR A 139 37.40 -21.53 12.24
C THR A 139 38.31 -20.58 13.02
N ASP A 140 38.20 -19.28 12.74
CA ASP A 140 39.00 -18.29 13.46
C ASP A 140 38.41 -18.27 14.87
N PRO A 141 39.08 -18.91 15.83
CA PRO A 141 38.59 -18.93 17.21
C PRO A 141 38.40 -17.54 17.82
N GLU A 142 38.94 -16.54 17.15
CA GLU A 142 38.86 -15.16 17.62
C GLU A 142 37.50 -14.52 17.41
N LYS A 143 36.59 -15.20 16.71
CA LYS A 143 35.27 -14.62 16.49
C LYS A 143 34.05 -15.46 16.87
N GLY A 144 34.23 -16.32 17.87
CA GLY A 144 33.13 -17.12 18.39
C GLY A 144 32.71 -18.47 17.83
N PHE A 145 32.10 -18.46 16.66
CA PHE A 145 31.57 -19.64 15.97
C PHE A 145 31.99 -21.04 16.36
N ILE A 146 33.11 -21.17 17.05
CA ILE A 146 33.59 -22.47 17.49
C ILE A 146 34.00 -22.49 18.96
N ASP A 147 33.94 -23.68 19.54
CA ASP A 147 34.30 -23.92 20.94
C ASP A 147 34.39 -25.42 21.07
N ASP A 148 35.59 -25.93 21.28
CA ASP A 148 35.81 -27.37 21.34
C ASP A 148 35.69 -27.79 19.88
N ASP A 149 36.02 -26.84 19.00
CA ASP A 149 35.97 -27.00 17.54
C ASP A 149 34.55 -27.38 17.10
N LYS A 150 33.60 -27.20 18.01
CA LYS A 150 32.22 -27.51 17.72
C LYS A 150 31.54 -26.31 17.10
N VAL A 151 30.64 -26.57 16.15
CA VAL A 151 29.90 -25.51 15.48
C VAL A 151 28.42 -25.87 15.60
N THR A 152 27.58 -24.89 15.92
CA THR A 152 26.15 -25.15 16.07
C THR A 152 25.32 -24.49 14.98
N PHE A 153 24.57 -25.31 14.25
CA PHE A 153 23.73 -24.85 13.17
C PHE A 153 22.28 -24.77 13.64
N GLU A 154 21.60 -23.72 13.20
CA GLU A 154 20.21 -23.51 13.57
C GLU A 154 19.39 -23.23 12.31
N VAL A 155 18.23 -23.86 12.21
CA VAL A 155 17.38 -23.68 11.03
C VAL A 155 15.91 -23.44 11.33
N PHE A 156 15.45 -22.21 11.09
CA PHE A 156 14.05 -21.90 11.31
C PHE A 156 13.34 -22.12 9.97
N VAL A 157 12.44 -23.09 9.94
CA VAL A 157 11.70 -23.41 8.72
C VAL A 157 10.27 -22.90 8.75
N GLN A 158 9.79 -22.38 7.61
CA GLN A 158 8.42 -21.89 7.50
C GLN A 158 7.70 -22.68 6.40
N ALA A 159 7.13 -23.81 6.82
CA ALA A 159 6.44 -24.74 5.94
C ALA A 159 5.01 -24.39 5.58
N ASP A 160 4.65 -24.75 4.35
CA ASP A 160 3.31 -24.53 3.83
C ASP A 160 2.67 -25.89 3.89
N ALA A 161 1.45 -26.03 3.38
CA ALA A 161 0.84 -27.34 3.38
C ALA A 161 1.46 -28.10 2.22
N PRO A 162 1.65 -29.39 2.40
CA PRO A 162 2.26 -30.09 1.27
C PRO A 162 1.31 -31.04 0.56
N HIS A 163 1.59 -31.31 -0.71
CA HIS A 163 0.76 -32.21 -1.47
C HIS A 163 1.36 -33.59 -1.38
N GLY A 164 0.57 -34.60 -1.72
CA GLY A 164 1.04 -35.97 -1.65
C GLY A 164 1.46 -36.31 -0.23
N VAL A 165 0.50 -36.33 0.68
CA VAL A 165 0.77 -36.64 2.07
C VAL A 165 -0.50 -36.46 2.89
N ALA A 166 -1.62 -36.87 2.28
CA ALA A 166 -2.95 -36.79 2.88
C ALA A 166 -3.10 -35.59 3.80
N TRP A 167 -3.57 -34.48 3.23
CA TRP A 167 -3.78 -33.27 3.98
C TRP A 167 -5.29 -33.17 4.19
N ASP A 168 -5.73 -33.39 5.43
CA ASP A 168 -7.15 -33.33 5.76
C ASP A 168 -7.58 -31.88 5.71
N SER A 169 -7.76 -31.35 4.51
CA SER A 169 -8.15 -29.95 4.38
C SER A 169 -9.30 -29.66 5.32
N LYS A 170 -10.32 -30.50 5.28
CA LYS A 170 -11.47 -30.31 6.14
C LYS A 170 -11.10 -30.67 7.56
N LYS A 171 -10.27 -29.84 8.18
CA LYS A 171 -9.86 -30.09 9.56
C LYS A 171 -9.26 -28.83 10.09
N HIS A 172 -8.10 -28.45 9.56
CA HIS A 172 -7.46 -27.22 10.01
C HIS A 172 -7.79 -26.11 9.03
N THR A 173 -9.04 -26.16 8.56
CA THR A 173 -9.56 -25.19 7.60
C THR A 173 -11.07 -25.33 7.55
N GLY A 174 -11.57 -26.51 7.88
CA GLY A 174 -12.99 -26.74 7.86
C GLY A 174 -13.51 -26.66 6.43
N TYR A 175 -12.60 -26.43 5.49
CA TYR A 175 -12.93 -26.34 4.07
C TYR A 175 -12.33 -27.52 3.30
N VAL A 176 -13.03 -28.02 2.28
CA VAL A 176 -12.53 -29.15 1.50
C VAL A 176 -11.94 -28.72 0.19
N GLY A 177 -11.24 -29.62 -0.49
CA GLY A 177 -10.61 -29.28 -1.76
C GLY A 177 -11.14 -29.91 -3.04
N LEU A 178 -10.44 -29.64 -4.13
CA LEU A 178 -10.76 -30.14 -5.47
C LEU A 178 -9.52 -30.89 -5.97
N LYS A 179 -9.71 -31.92 -6.77
CA LYS A 179 -8.58 -32.69 -7.25
C LYS A 179 -8.05 -32.24 -8.64
N ASN A 180 -7.17 -33.05 -9.23
CA ASN A 180 -6.63 -32.78 -10.57
C ASN A 180 -5.79 -31.52 -10.80
N GLN A 181 -6.25 -30.80 -11.84
CA GLN A 181 -5.74 -29.54 -12.42
C GLN A 181 -4.54 -29.71 -13.36
N THR A 184 -8.66 -28.83 -16.91
CA THR A 184 -9.59 -27.93 -16.24
C THR A 184 -8.92 -26.65 -15.79
N CYS A 185 -7.58 -26.62 -15.82
CA CYS A 185 -6.81 -25.45 -15.42
C CYS A 185 -7.45 -24.59 -14.34
N TYR A 186 -7.84 -23.37 -14.72
CA TYR A 186 -8.47 -22.40 -13.84
C TYR A 186 -9.87 -22.72 -13.36
N MET A 187 -10.46 -23.80 -13.84
CA MET A 187 -11.83 -24.15 -13.46
C MET A 187 -12.06 -24.36 -11.95
N ASN A 188 -11.10 -25.02 -11.29
CA ASN A 188 -11.20 -25.27 -9.87
C ASN A 188 -11.37 -23.97 -9.09
N SER A 189 -10.39 -23.08 -9.22
CA SER A 189 -10.42 -21.78 -8.54
C SER A 189 -11.79 -21.16 -8.74
N LEU A 190 -12.22 -21.05 -9.99
CA LEU A 190 -13.53 -20.49 -10.32
C LEU A 190 -14.64 -21.22 -9.58
N LEU A 191 -14.59 -22.55 -9.56
CA LEU A 191 -15.61 -23.37 -8.89
C LEU A 191 -15.79 -23.00 -7.43
N GLN A 192 -14.67 -23.00 -6.70
CA GLN A 192 -14.67 -22.67 -5.30
C GLN A 192 -15.12 -21.22 -5.15
N THR A 193 -14.45 -20.31 -5.84
CA THR A 193 -14.79 -18.89 -5.79
C THR A 193 -16.28 -18.74 -5.87
N LEU A 194 -16.90 -19.63 -6.62
CA LEU A 194 -18.33 -19.60 -6.81
C LEU A 194 -19.08 -20.23 -5.63
N PHE A 195 -18.61 -21.39 -5.20
CA PHE A 195 -19.21 -22.09 -4.07
C PHE A 195 -19.35 -21.08 -2.94
N PHE A 196 -18.26 -20.41 -2.61
CA PHE A 196 -18.29 -19.45 -1.53
C PHE A 196 -19.03 -18.15 -1.82
N THR A 197 -19.90 -18.14 -2.83
CA THR A 197 -20.69 -16.95 -3.09
C THR A 197 -22.07 -17.39 -2.64
N ASN A 198 -22.08 -17.77 -1.36
CA ASN A 198 -23.24 -18.25 -0.63
C ASN A 198 -24.61 -18.00 -1.22
N GLN A 199 -25.04 -16.76 -1.29
CA GLN A 199 -26.37 -16.51 -1.82
C GLN A 199 -26.60 -17.25 -3.12
N LEU A 200 -25.58 -17.38 -3.93
CA LEU A 200 -25.72 -18.09 -5.19
C LEU A 200 -25.89 -19.57 -4.89
N ARG A 201 -25.09 -20.04 -3.94
CA ARG A 201 -25.09 -21.43 -3.51
C ARG A 201 -26.48 -21.93 -3.11
N LYS A 202 -27.13 -21.24 -2.18
CA LYS A 202 -28.46 -21.63 -1.73
C LYS A 202 -29.41 -21.66 -2.90
N ALA A 203 -29.38 -20.56 -3.65
CA ALA A 203 -30.23 -20.39 -4.81
C ALA A 203 -30.05 -21.51 -5.81
N VAL A 204 -28.80 -21.96 -5.97
CA VAL A 204 -28.51 -23.03 -6.90
C VAL A 204 -29.09 -24.32 -6.34
N TYR A 205 -28.88 -24.55 -5.04
CA TYR A 205 -29.40 -25.74 -4.38
C TYR A 205 -30.87 -25.91 -4.71
N MET A 206 -31.64 -24.86 -4.44
CA MET A 206 -33.09 -24.82 -4.65
C MET A 206 -33.63 -24.99 -6.07
N MET A 207 -32.80 -25.35 -7.02
CA MET A 207 -33.24 -25.54 -8.39
C MET A 207 -34.08 -26.80 -8.56
N PRO A 208 -35.05 -26.80 -9.51
CA PRO A 208 -35.92 -27.95 -9.78
C PRO A 208 -35.23 -28.86 -10.77
N THR A 209 -34.19 -29.54 -10.31
CA THR A 209 -33.39 -30.41 -11.16
C THR A 209 -33.81 -31.87 -11.23
N GLU A 210 -35.11 -32.17 -11.10
CA GLU A 210 -35.48 -33.58 -11.15
C GLU A 210 -35.58 -34.12 -12.57
N GLY A 211 -36.60 -33.71 -13.32
CA GLY A 211 -36.73 -34.19 -14.68
C GLY A 211 -35.47 -33.89 -15.46
N ASP A 212 -34.46 -34.75 -15.33
CA ASP A 212 -33.18 -34.53 -16.01
C ASP A 212 -32.38 -35.80 -16.32
N ASP A 213 -31.18 -35.58 -16.84
CA ASP A 213 -30.24 -36.64 -17.19
C ASP A 213 -28.90 -36.29 -16.55
N SER A 214 -28.54 -37.06 -15.53
CA SER A 214 -27.33 -36.86 -14.76
C SER A 214 -26.00 -36.58 -15.48
N SER A 215 -25.95 -36.71 -16.81
CA SER A 215 -24.70 -36.42 -17.51
C SER A 215 -24.83 -35.19 -18.41
N LYS A 216 -26.08 -34.77 -18.62
CA LYS A 216 -26.37 -33.61 -19.47
C LYS A 216 -26.55 -32.31 -18.68
N SER A 217 -27.48 -32.37 -17.72
CA SER A 217 -27.83 -31.24 -16.85
C SER A 217 -26.67 -30.59 -16.09
N VAL A 218 -26.27 -29.41 -16.55
CA VAL A 218 -25.20 -28.67 -15.93
C VAL A 218 -25.64 -28.28 -14.53
N PRO A 219 -26.77 -27.56 -14.41
CA PRO A 219 -27.21 -27.18 -13.08
C PRO A 219 -27.00 -28.33 -12.10
N LEU A 220 -27.51 -29.50 -12.46
CA LEU A 220 -27.38 -30.68 -11.63
C LEU A 220 -25.90 -30.96 -11.40
N ALA A 221 -25.19 -31.21 -12.50
CA ALA A 221 -23.75 -31.49 -12.48
C ALA A 221 -23.00 -30.50 -11.59
N LEU A 222 -23.65 -29.40 -11.23
CA LEU A 222 -23.04 -28.41 -10.37
C LEU A 222 -23.59 -28.59 -8.96
N GLN A 223 -24.83 -29.02 -8.89
CA GLN A 223 -25.43 -29.23 -7.60
C GLN A 223 -24.63 -30.31 -6.88
N ARG A 224 -23.98 -31.17 -7.64
CA ARG A 224 -23.17 -32.22 -7.02
C ARG A 224 -21.96 -31.55 -6.41
N VAL A 225 -21.13 -30.97 -7.27
CA VAL A 225 -19.92 -30.32 -6.79
C VAL A 225 -20.25 -29.50 -5.56
N PHE A 226 -21.17 -28.55 -5.68
CA PHE A 226 -21.51 -27.75 -4.52
C PHE A 226 -21.79 -28.63 -3.30
N TYR A 227 -22.69 -29.60 -3.42
CA TYR A 227 -23.02 -30.48 -2.30
C TYR A 227 -21.80 -31.11 -1.65
N GLU A 228 -21.08 -31.91 -2.43
CA GLU A 228 -19.89 -32.58 -1.91
C GLU A 228 -18.93 -31.53 -1.37
N LEU A 229 -18.80 -30.42 -2.10
CA LEU A 229 -17.93 -29.32 -1.70
C LEU A 229 -18.21 -28.90 -0.27
N GLN A 230 -19.38 -29.24 0.20
CA GLN A 230 -19.78 -28.87 1.55
C GLN A 230 -19.63 -30.01 2.54
N HIS A 231 -20.08 -31.20 2.17
CA HIS A 231 -20.03 -32.35 3.07
C HIS A 231 -18.84 -33.31 3.01
N SER A 232 -18.07 -33.25 1.93
CA SER A 232 -16.94 -34.17 1.78
C SER A 232 -15.74 -33.87 2.67
N ASP A 233 -14.93 -34.90 2.89
CA ASP A 233 -13.73 -34.81 3.70
C ASP A 233 -12.56 -35.15 2.79
N LYS A 234 -12.92 -35.66 1.60
CA LYS A 234 -11.99 -36.05 0.55
C LYS A 234 -12.23 -35.21 -0.72
N PRO A 235 -11.15 -34.88 -1.45
CA PRO A 235 -11.26 -34.07 -2.67
C PRO A 235 -12.58 -34.26 -3.41
N VAL A 236 -13.07 -33.19 -4.03
CA VAL A 236 -14.32 -33.28 -4.75
C VAL A 236 -13.99 -33.45 -6.23
N GLY A 237 -14.75 -34.34 -6.88
CA GLY A 237 -14.53 -34.66 -8.29
C GLY A 237 -15.21 -33.81 -9.35
N THR A 238 -14.40 -32.98 -10.01
CA THR A 238 -14.89 -32.10 -11.07
C THR A 238 -15.48 -32.98 -12.16
N LYS A 239 -14.80 -34.09 -12.41
CA LYS A 239 -15.16 -35.09 -13.42
C LYS A 239 -16.40 -34.88 -14.29
N LYS A 240 -17.59 -35.13 -13.73
CA LYS A 240 -18.84 -35.00 -14.50
C LYS A 240 -19.26 -33.58 -14.86
N LEU A 241 -18.76 -32.59 -14.13
CA LEU A 241 -19.09 -31.21 -14.43
C LEU A 241 -18.33 -30.89 -15.71
N THR A 242 -17.03 -31.20 -15.72
CA THR A 242 -16.18 -30.95 -16.88
C THR A 242 -16.81 -31.46 -18.17
N LYS A 243 -17.74 -32.41 -18.06
CA LYS A 243 -18.36 -32.94 -19.26
C LYS A 243 -19.53 -32.08 -19.73
N SER A 244 -20.44 -31.75 -18.82
CA SER A 244 -21.61 -30.94 -19.16
C SER A 244 -21.38 -29.81 -20.17
N PHE A 245 -20.25 -29.11 -20.09
CA PHE A 245 -19.97 -28.01 -21.03
C PHE A 245 -19.47 -28.57 -22.35
N GLY A 246 -18.96 -29.79 -22.30
CA GLY A 246 -18.43 -30.40 -23.50
C GLY A 246 -16.93 -30.23 -23.43
N TRP A 247 -16.51 -29.33 -22.56
CA TRP A 247 -15.10 -29.05 -22.36
C TRP A 247 -14.39 -30.32 -21.97
N GLU A 248 -14.11 -31.14 -22.97
CA GLU A 248 -13.41 -32.37 -22.73
C GLU A 248 -12.00 -32.30 -23.26
N THR A 249 -11.21 -33.29 -22.88
CA THR A 249 -9.84 -33.41 -23.33
C THR A 249 -8.92 -32.27 -22.87
N LEU A 250 -9.47 -31.28 -22.20
CA LEU A 250 -8.64 -30.19 -21.66
C LEU A 250 -8.02 -29.16 -22.57
N ASP A 251 -8.42 -29.07 -23.83
CA ASP A 251 -7.83 -28.04 -24.66
C ASP A 251 -8.96 -27.04 -24.86
N SER A 252 -10.14 -27.44 -24.40
CA SER A 252 -11.30 -26.58 -24.46
C SER A 252 -11.35 -25.91 -23.09
N PHE A 253 -10.20 -25.89 -22.43
CA PHE A 253 -10.05 -25.23 -21.13
C PHE A 253 -9.01 -24.17 -21.38
N MET A 254 -8.05 -24.49 -22.25
CA MET A 254 -7.00 -23.56 -22.60
C MET A 254 -7.48 -22.70 -23.77
N GLN A 255 -8.68 -23.02 -24.29
CA GLN A 255 -9.26 -22.31 -25.42
C GLN A 255 -10.30 -21.27 -24.96
N HIS A 256 -10.30 -20.98 -23.66
CA HIS A 256 -11.20 -20.00 -23.07
C HIS A 256 -10.51 -19.46 -21.81
N ASP A 257 -11.23 -18.69 -21.03
CA ASP A 257 -10.67 -18.17 -19.79
C ASP A 257 -11.76 -18.20 -18.73
N VAL A 258 -11.43 -17.82 -17.49
CA VAL A 258 -12.43 -17.82 -16.42
C VAL A 258 -13.77 -17.20 -16.85
N GLN A 259 -13.70 -16.00 -17.44
CA GLN A 259 -14.90 -15.27 -17.87
C GLN A 259 -15.94 -16.13 -18.55
N GLU A 260 -15.52 -16.84 -19.60
CA GLU A 260 -16.42 -17.69 -20.37
C GLU A 260 -17.00 -18.82 -19.56
N LEU A 261 -16.14 -19.57 -18.88
CA LEU A 261 -16.64 -20.66 -18.06
C LEU A 261 -17.68 -20.07 -17.10
N CYS A 262 -17.29 -19.03 -16.37
CA CYS A 262 -18.20 -18.41 -15.44
C CYS A 262 -19.52 -18.14 -16.14
N ARG A 263 -19.45 -17.77 -17.41
CA ARG A 263 -20.65 -17.45 -18.16
C ARG A 263 -21.36 -18.65 -18.76
N VAL A 264 -20.69 -19.79 -18.78
CA VAL A 264 -21.34 -20.97 -19.30
C VAL A 264 -22.12 -21.51 -18.13
N LEU A 265 -21.41 -21.74 -17.03
CA LEU A 265 -22.04 -22.28 -15.84
C LEU A 265 -23.18 -21.41 -15.39
N LEU A 266 -22.85 -20.15 -15.09
CA LEU A 266 -23.82 -19.18 -14.60
C LEU A 266 -25.06 -19.01 -15.47
N ASP A 267 -24.87 -18.50 -16.68
CA ASP A 267 -26.01 -18.31 -17.56
C ASP A 267 -26.81 -19.57 -17.67
N ASN A 268 -26.11 -20.69 -17.60
CA ASN A 268 -26.70 -22.02 -17.69
C ASN A 268 -27.69 -22.28 -16.58
N VAL A 269 -27.28 -21.94 -15.36
CA VAL A 269 -28.08 -22.14 -14.18
C VAL A 269 -29.32 -21.25 -14.16
N GLU A 270 -29.32 -20.15 -14.88
CA GLU A 270 -30.51 -19.33 -14.77
C GLU A 270 -31.64 -19.70 -15.69
N ASN A 271 -31.33 -20.16 -16.90
CA ASN A 271 -32.44 -20.53 -17.77
C ASN A 271 -33.09 -21.73 -17.14
N LYS A 272 -32.63 -22.06 -15.93
CA LYS A 272 -33.16 -23.17 -15.15
C LYS A 272 -33.86 -22.57 -13.93
N MET A 273 -33.39 -21.40 -13.50
CA MET A 273 -34.02 -20.74 -12.37
C MET A 273 -35.11 -19.87 -12.96
N LYS A 274 -35.32 -19.99 -14.27
CA LYS A 274 -36.29 -19.15 -14.99
C LYS A 274 -37.78 -19.16 -14.63
N GLY A 275 -38.18 -19.96 -13.64
CA GLY A 275 -39.58 -19.98 -13.27
C GLY A 275 -39.65 -20.43 -11.83
N THR A 276 -38.50 -20.46 -11.20
CA THR A 276 -38.35 -20.90 -9.82
C THR A 276 -38.25 -19.73 -8.88
N CYS A 277 -38.80 -19.90 -7.69
CA CYS A 277 -38.80 -18.86 -6.66
C CYS A 277 -37.47 -18.13 -6.47
N VAL A 278 -36.42 -18.65 -7.11
CA VAL A 278 -35.11 -18.03 -7.02
C VAL A 278 -34.73 -17.50 -8.40
N GLU A 279 -35.71 -16.91 -9.07
CA GLU A 279 -35.55 -16.36 -10.39
C GLU A 279 -34.69 -15.11 -10.42
N GLY A 280 -33.94 -14.95 -11.51
CA GLY A 280 -33.09 -13.79 -11.67
C GLY A 280 -32.07 -13.55 -10.58
N THR A 281 -31.74 -14.61 -9.86
CA THR A 281 -30.78 -14.49 -8.79
C THR A 281 -29.40 -14.07 -9.28
N ILE A 282 -28.93 -14.70 -10.34
CA ILE A 282 -27.62 -14.37 -10.85
C ILE A 282 -27.39 -12.91 -11.24
N PRO A 283 -28.25 -12.36 -12.11
CA PRO A 283 -28.05 -10.97 -12.49
C PRO A 283 -28.12 -10.10 -11.27
N LYS A 284 -29.06 -10.40 -10.38
CA LYS A 284 -29.23 -9.60 -9.18
C LYS A 284 -27.97 -9.63 -8.32
N LEU A 285 -27.10 -10.58 -8.63
CA LEU A 285 -25.84 -10.72 -7.91
C LEU A 285 -24.65 -10.20 -8.69
N PHE A 286 -24.62 -10.47 -9.98
CA PHE A 286 -23.47 -10.06 -10.77
C PHE A 286 -23.66 -9.02 -11.82
N ARG A 287 -24.89 -8.78 -12.28
CA ARG A 287 -25.16 -7.82 -13.37
C ARG A 287 -25.10 -6.29 -13.12
N GLY A 288 -24.53 -5.59 -14.10
CA GLY A 288 -24.40 -4.15 -14.02
C GLY A 288 -24.80 -3.49 -15.33
N LYS A 289 -25.20 -2.23 -15.26
CA LYS A 289 -25.62 -1.49 -16.43
C LYS A 289 -24.57 -0.50 -16.85
N MET A 290 -24.04 -0.71 -18.04
CA MET A 290 -22.96 0.11 -18.60
C MET A 290 -23.46 1.05 -19.70
N VAL A 291 -22.66 2.06 -20.04
CA VAL A 291 -23.05 2.95 -21.13
C VAL A 291 -21.91 3.36 -22.02
N SER A 292 -22.06 3.06 -23.30
CA SER A 292 -21.05 3.39 -24.28
C SER A 292 -21.70 4.51 -25.11
N TYR A 293 -20.97 5.60 -25.32
CA TYR A 293 -21.53 6.74 -26.05
C TYR A 293 -20.67 7.36 -27.14
N ILE A 294 -21.27 8.29 -27.87
CA ILE A 294 -20.66 9.03 -28.95
C ILE A 294 -21.40 10.38 -29.11
N GLN A 295 -20.69 11.51 -29.19
CA GLN A 295 -21.35 12.83 -29.38
C GLN A 295 -20.66 13.76 -30.37
N CYS A 296 -20.48 13.32 -31.59
CA CYS A 296 -19.86 14.15 -32.63
C CYS A 296 -19.44 15.55 -32.17
N LYS A 297 -18.16 15.89 -32.34
CA LYS A 297 -17.66 17.19 -31.93
C LYS A 297 -18.28 18.41 -32.63
N GLU A 298 -18.13 18.50 -33.95
CA GLU A 298 -18.65 19.64 -34.71
C GLU A 298 -20.16 19.58 -35.00
N VAL A 299 -20.69 18.39 -35.22
CA VAL A 299 -22.11 18.25 -35.52
C VAL A 299 -22.92 17.71 -34.33
N ASP A 300 -24.19 18.08 -34.23
CA ASP A 300 -25.03 17.64 -33.11
C ASP A 300 -25.72 16.27 -33.23
N TYR A 301 -25.01 15.21 -32.85
CA TYR A 301 -25.58 13.85 -32.89
C TYR A 301 -24.91 12.96 -31.87
N ARG A 302 -25.72 12.31 -31.04
CA ARG A 302 -25.18 11.42 -30.01
C ARG A 302 -25.79 10.03 -30.03
N SER A 303 -25.01 9.05 -29.62
CA SER A 303 -25.48 7.69 -29.61
C SER A 303 -25.08 7.03 -28.30
N ASP A 304 -26.08 6.81 -27.44
CA ASP A 304 -25.93 6.17 -26.12
C ASP A 304 -26.47 4.74 -26.13
N ARG A 305 -25.71 3.81 -25.58
CA ARG A 305 -26.12 2.41 -25.54
C ARG A 305 -25.79 1.76 -24.20
N ARG A 306 -26.82 1.48 -23.42
CA ARG A 306 -26.63 0.86 -22.13
C ARG A 306 -26.54 -0.60 -22.42
N GLU A 307 -25.63 -1.27 -21.73
CA GLU A 307 -25.39 -2.69 -21.93
C GLU A 307 -25.27 -3.32 -20.53
N ASP A 308 -25.64 -4.58 -20.39
CA ASP A 308 -25.50 -5.26 -19.11
C ASP A 308 -24.03 -5.67 -19.03
N TYR A 309 -23.57 -6.12 -17.86
CA TYR A 309 -22.20 -6.60 -17.78
C TYR A 309 -22.07 -7.43 -16.52
N TYR A 310 -21.42 -8.59 -16.65
CA TYR A 310 -21.27 -9.48 -15.53
C TYR A 310 -19.86 -9.57 -15.01
N ASP A 311 -19.01 -8.65 -15.45
CA ASP A 311 -17.62 -8.64 -15.02
C ASP A 311 -17.06 -7.34 -15.51
N ILE A 312 -15.77 -7.15 -15.36
CA ILE A 312 -15.11 -5.92 -15.83
C ILE A 312 -13.66 -6.21 -16.14
N GLN A 313 -13.30 -6.11 -17.41
CA GLN A 313 -11.94 -6.38 -17.80
C GLN A 313 -11.13 -5.11 -17.66
N LEU A 314 -10.16 -5.14 -16.75
CA LEU A 314 -9.32 -3.98 -16.47
C LEU A 314 -7.95 -4.09 -17.08
N SER A 315 -7.45 -2.98 -17.60
CA SER A 315 -6.13 -3.01 -18.20
C SER A 315 -5.10 -2.81 -17.11
N ILE A 316 -3.87 -3.21 -17.36
CA ILE A 316 -2.84 -3.08 -16.35
C ILE A 316 -1.52 -2.59 -16.89
N LYS A 317 -1.06 -3.24 -17.95
CA LYS A 317 0.20 -2.88 -18.57
C LYS A 317 0.38 -1.38 -18.61
N GLY A 318 1.20 -0.85 -17.73
CA GLY A 318 1.44 0.58 -17.71
C GLY A 318 0.75 1.33 -16.57
N LYS A 319 -0.16 0.65 -15.89
CA LYS A 319 -0.88 1.22 -14.77
C LYS A 319 -0.31 0.62 -13.49
N LYS A 320 -0.53 1.28 -12.34
CA LYS A 320 0.01 0.83 -11.06
C LYS A 320 -0.91 0.02 -10.16
N ASN A 321 -2.14 0.49 -10.02
CA ASN A 321 -3.12 -0.15 -9.17
C ASN A 321 -4.49 -0.08 -9.82
N ILE A 322 -5.48 -0.71 -9.20
CA ILE A 322 -6.83 -0.72 -9.74
C ILE A 322 -7.44 0.64 -9.96
N PHE A 323 -7.22 1.56 -9.04
CA PHE A 323 -7.78 2.87 -9.18
C PHE A 323 -7.28 3.55 -10.43
N GLU A 324 -6.14 3.12 -10.97
CA GLU A 324 -5.62 3.75 -12.17
C GLU A 324 -6.13 3.08 -13.42
N SER A 325 -6.69 1.89 -13.22
CA SER A 325 -7.24 1.11 -14.32
C SER A 325 -8.60 1.64 -14.61
N PHE A 326 -9.35 1.97 -13.57
CA PHE A 326 -10.67 2.49 -13.81
C PHE A 326 -10.55 3.84 -14.48
N VAL A 327 -9.66 4.68 -13.97
CA VAL A 327 -9.41 5.99 -14.56
C VAL A 327 -9.25 5.84 -16.07
N ASP A 328 -8.34 4.98 -16.48
CA ASP A 328 -8.10 4.76 -17.90
C ASP A 328 -9.34 4.18 -18.60
N TYR A 329 -10.07 3.30 -17.92
CA TYR A 329 -11.28 2.66 -18.49
C TYR A 329 -12.35 3.69 -18.86
N VAL A 330 -12.40 4.76 -18.09
CA VAL A 330 -13.35 5.83 -18.30
C VAL A 330 -12.64 7.03 -18.88
N ALA A 331 -11.69 6.78 -19.77
CA ALA A 331 -10.97 7.88 -20.42
C ALA A 331 -11.78 8.08 -21.68
N VAL A 332 -11.58 9.20 -22.38
CA VAL A 332 -12.37 9.46 -23.59
C VAL A 332 -11.64 9.36 -24.91
N GLU A 333 -12.01 8.37 -25.72
CA GLU A 333 -11.38 8.13 -27.00
C GLU A 333 -11.96 9.01 -28.10
N GLN A 334 -11.09 9.70 -28.83
CA GLN A 334 -11.45 10.61 -29.94
C GLN A 334 -11.46 9.84 -31.26
N LEU A 335 -12.44 10.10 -32.12
CA LEU A 335 -12.47 9.38 -33.37
C LEU A 335 -12.04 10.25 -34.58
N ASP A 336 -10.95 9.82 -35.26
CA ASP A 336 -10.35 10.50 -36.42
C ASP A 336 -9.64 9.56 -37.42
N GLY A 337 -9.04 10.15 -38.46
CA GLY A 337 -8.29 9.42 -39.47
C GLY A 337 -9.06 8.35 -40.23
N ASP A 338 -9.15 7.18 -39.62
CA ASP A 338 -9.89 6.04 -40.17
C ASP A 338 -10.91 5.75 -39.08
N ASN A 339 -10.56 6.15 -37.86
CA ASN A 339 -11.39 5.95 -36.70
C ASN A 339 -12.59 6.88 -36.68
N LYS A 340 -12.66 7.84 -37.61
CA LYS A 340 -13.79 8.75 -37.62
C LYS A 340 -15.09 7.95 -37.63
N TYR A 341 -16.09 8.52 -36.97
CA TYR A 341 -17.40 7.90 -36.81
C TYR A 341 -18.36 7.89 -38.00
N ASP A 342 -18.98 6.73 -38.23
CA ASP A 342 -19.97 6.51 -39.30
C ASP A 342 -21.31 7.13 -38.83
N ALA A 343 -21.67 8.33 -39.32
CA ALA A 343 -22.90 9.01 -38.87
C ALA A 343 -24.10 9.12 -39.81
N GLY A 344 -24.25 8.18 -40.74
CA GLY A 344 -25.38 8.24 -41.63
C GLY A 344 -25.53 9.56 -42.39
N GLU A 345 -26.71 10.16 -42.32
CA GLU A 345 -26.94 11.39 -43.05
C GLU A 345 -25.92 12.49 -42.77
N HIS A 346 -25.05 12.25 -41.79
CA HIS A 346 -24.02 13.20 -41.43
C HIS A 346 -22.73 12.71 -42.08
N GLY A 347 -22.68 11.41 -42.35
CA GLY A 347 -21.51 10.82 -42.96
C GLY A 347 -20.35 10.75 -41.98
N LEU A 348 -19.20 10.28 -42.42
CA LEU A 348 -18.05 10.19 -41.53
C LEU A 348 -17.87 11.51 -40.80
N GLN A 349 -17.83 11.44 -39.47
CA GLN A 349 -17.65 12.63 -38.65
C GLN A 349 -16.62 12.48 -37.53
N GLU A 350 -16.40 13.60 -36.85
CA GLU A 350 -15.45 13.66 -35.75
C GLU A 350 -16.27 13.61 -34.48
N ALA A 351 -15.96 12.67 -33.59
CA ALA A 351 -16.73 12.57 -32.36
C ALA A 351 -15.94 12.03 -31.20
N GLU A 352 -16.61 11.90 -30.06
CA GLU A 352 -15.99 11.35 -28.87
C GLU A 352 -16.67 10.02 -28.62
N LYS A 353 -15.97 9.10 -27.96
CA LYS A 353 -16.53 7.79 -27.65
C LYS A 353 -15.91 7.32 -26.36
N GLY A 354 -16.76 6.86 -25.43
CA GLY A 354 -16.28 6.38 -24.16
C GLY A 354 -17.39 5.63 -23.45
N VAL A 355 -17.06 5.01 -22.32
CA VAL A 355 -18.02 4.25 -21.56
C VAL A 355 -18.16 4.88 -20.18
N LYS A 356 -19.27 4.59 -19.50
CA LYS A 356 -19.54 5.10 -18.15
C LYS A 356 -20.42 4.15 -17.36
N PHE A 357 -20.13 3.96 -16.08
CA PHE A 357 -20.94 3.04 -15.28
C PHE A 357 -22.20 3.67 -14.71
N LEU A 358 -23.26 2.88 -14.64
CA LEU A 358 -24.51 3.34 -14.10
C LEU A 358 -24.80 2.59 -12.82
N THR A 359 -24.24 1.40 -12.70
CA THR A 359 -24.45 0.56 -11.54
C THR A 359 -23.30 -0.44 -11.46
N LEU A 360 -22.85 -0.75 -10.24
CA LEU A 360 -21.79 -1.73 -10.00
C LEU A 360 -22.47 -2.84 -9.21
N PRO A 361 -22.36 -4.07 -9.69
CA PRO A 361 -22.96 -5.24 -9.06
C PRO A 361 -22.70 -5.41 -7.57
N PRO A 362 -23.38 -6.40 -6.96
CA PRO A 362 -23.23 -6.71 -5.55
C PRO A 362 -21.92 -7.46 -5.43
N VAL A 363 -21.71 -8.34 -6.43
CA VAL A 363 -20.54 -9.22 -6.57
C VAL A 363 -19.74 -8.80 -7.79
N LEU A 364 -18.57 -8.21 -7.57
CA LEU A 364 -17.75 -7.71 -8.68
C LEU A 364 -16.62 -8.56 -9.24
N HIS A 365 -16.82 -9.20 -10.39
CA HIS A 365 -15.74 -9.99 -10.99
C HIS A 365 -14.83 -9.07 -11.82
N LEU A 366 -13.59 -8.90 -11.37
CA LEU A 366 -12.66 -8.04 -12.07
C LEU A 366 -11.57 -8.85 -12.73
N GLN A 367 -11.53 -8.89 -14.05
CA GLN A 367 -10.44 -9.64 -14.63
C GLN A 367 -9.36 -8.75 -15.18
N LEU A 368 -8.17 -9.00 -14.66
CA LEU A 368 -6.95 -8.28 -15.02
C LEU A 368 -6.39 -8.91 -16.28
N MET A 369 -6.03 -8.08 -17.27
CA MET A 369 -5.50 -8.60 -18.51
C MET A 369 -3.99 -8.70 -18.49
N ARG A 370 -3.52 -9.90 -18.15
CA ARG A 370 -2.09 -10.18 -18.09
C ARG A 370 -1.79 -11.15 -19.17
N PHE A 371 -2.84 -11.62 -19.82
CA PHE A 371 -2.68 -12.58 -20.90
C PHE A 371 -2.94 -11.95 -22.28
N MET A 372 -1.85 -11.68 -23.00
CA MET A 372 -1.93 -11.07 -24.31
C MET A 372 -1.02 -11.69 -25.37
N TYR A 373 -1.23 -11.26 -26.61
CA TYR A 373 -0.51 -11.72 -27.79
C TYR A 373 0.65 -10.80 -28.13
N ASP A 374 1.87 -11.27 -27.93
CA ASP A 374 3.06 -10.46 -28.23
C ASP A 374 3.04 -10.06 -29.69
N PRO A 375 3.71 -8.94 -30.03
CA PRO A 375 3.71 -8.52 -31.44
C PRO A 375 4.71 -9.34 -32.24
N GLN A 376 5.94 -9.27 -31.76
CA GLN A 376 7.10 -9.91 -32.36
C GLN A 376 7.37 -11.33 -31.86
N THR A 377 6.64 -12.32 -32.37
CA THR A 377 6.84 -13.71 -31.97
C THR A 377 5.83 -14.77 -32.41
N ASP A 378 4.54 -14.51 -32.21
CA ASP A 378 3.43 -15.43 -32.54
C ASP A 378 3.01 -16.06 -31.22
N GLN A 379 3.56 -15.48 -30.17
CA GLN A 379 3.35 -15.91 -28.81
C GLN A 379 2.13 -15.36 -28.10
N ASN A 380 1.52 -16.21 -27.29
CA ASN A 380 0.39 -15.83 -26.47
C ASN A 380 1.11 -15.64 -25.14
N ILE A 381 1.50 -14.40 -24.88
CA ILE A 381 2.28 -14.06 -23.69
C ILE A 381 1.54 -13.57 -22.46
N LYS A 382 2.17 -13.73 -21.29
CA LYS A 382 1.61 -13.27 -20.03
C LYS A 382 2.44 -12.10 -19.48
N ILE A 383 1.75 -11.08 -18.97
CA ILE A 383 2.40 -9.91 -18.42
C ILE A 383 2.44 -10.03 -16.90
N ASN A 384 3.62 -10.29 -16.35
CA ASN A 384 3.74 -10.42 -14.90
C ASN A 384 4.12 -9.12 -14.22
N ASP A 385 3.89 -7.99 -14.89
CA ASP A 385 4.22 -6.70 -14.29
C ASP A 385 3.44 -6.56 -12.98
N ARG A 386 3.83 -5.59 -12.15
CA ARG A 386 3.18 -5.38 -10.85
C ARG A 386 1.89 -4.54 -10.84
N PHE A 387 0.82 -5.17 -10.36
CA PHE A 387 -0.49 -4.54 -10.27
C PHE A 387 -0.97 -4.69 -8.82
N GLU A 388 -1.52 -3.62 -8.24
CA GLU A 388 -1.97 -3.66 -6.85
C GLU A 388 -3.47 -3.47 -6.67
N PHE A 389 -4.09 -4.38 -5.94
CA PHE A 389 -5.51 -4.29 -5.65
C PHE A 389 -5.58 -4.09 -4.14
N PRO A 390 -6.65 -3.46 -3.62
CA PRO A 390 -6.73 -3.25 -2.17
C PRO A 390 -7.85 -4.02 -1.51
N GLU A 391 -7.85 -4.01 -0.19
CA GLU A 391 -8.85 -4.72 0.57
C GLU A 391 -10.19 -3.98 0.51
N GLN A 392 -10.12 -2.66 0.50
CA GLN A 392 -11.33 -1.87 0.41
C GLN A 392 -11.27 -1.09 -0.91
N LEU A 393 -12.28 -1.24 -1.75
CA LEU A 393 -12.25 -0.50 -3.01
C LEU A 393 -13.30 0.60 -3.02
N PRO A 394 -12.88 1.84 -3.33
CA PRO A 394 -13.78 2.99 -3.40
C PRO A 394 -14.09 3.05 -4.88
N LEU A 395 -15.38 3.05 -5.23
CA LEU A 395 -15.77 3.00 -6.63
C LEU A 395 -16.99 3.78 -7.07
N ASP A 396 -17.67 4.55 -6.21
CA ASP A 396 -18.85 5.23 -6.73
C ASP A 396 -18.47 6.50 -7.46
N GLU A 397 -17.18 6.82 -7.38
CA GLU A 397 -16.66 7.98 -8.06
C GLU A 397 -16.37 7.68 -9.54
N PHE A 398 -16.95 6.59 -10.05
CA PHE A 398 -16.81 6.13 -11.45
C PHE A 398 -18.18 5.86 -12.10
N LEU A 399 -19.22 6.28 -11.40
CA LEU A 399 -20.60 6.16 -11.87
C LEU A 399 -20.94 7.63 -12.13
N GLN A 400 -21.76 7.92 -13.13
CA GLN A 400 -22.10 9.32 -13.36
C GLN A 400 -23.04 9.81 -12.24
N LYS A 401 -23.84 8.89 -11.67
CA LYS A 401 -24.79 9.20 -10.60
C LYS A 401 -24.66 8.17 -9.46
N THR A 402 -24.27 8.65 -8.28
CA THR A 402 -24.12 7.78 -7.11
C THR A 402 -25.29 7.91 -6.20
N ASP A 403 -25.44 6.93 -5.32
CA ASP A 403 -26.55 6.90 -4.38
C ASP A 403 -26.06 6.81 -2.94
N PRO A 404 -26.11 7.94 -2.21
CA PRO A 404 -25.67 7.93 -0.82
C PRO A 404 -26.55 6.90 -0.14
N LYS A 405 -26.28 6.62 1.13
CA LYS A 405 -27.07 5.63 1.85
C LYS A 405 -26.64 4.23 1.39
N ASP A 406 -26.33 4.11 0.10
CA ASP A 406 -25.86 2.85 -0.48
C ASP A 406 -24.66 3.14 -1.35
N PRO A 407 -23.51 3.43 -0.73
CA PRO A 407 -22.32 3.72 -1.51
C PRO A 407 -22.02 2.60 -2.47
N ALA A 408 -20.85 2.70 -3.06
CA ALA A 408 -20.36 1.71 -3.98
C ALA A 408 -18.95 1.50 -3.48
N ASN A 409 -18.84 0.68 -2.45
CA ASN A 409 -17.57 0.33 -1.86
C ASN A 409 -17.56 -1.18 -1.71
N TYR A 410 -16.58 -1.83 -2.33
CA TYR A 410 -16.45 -3.29 -2.32
C TYR A 410 -15.31 -3.68 -1.42
N ILE A 411 -15.20 -4.98 -1.15
CA ILE A 411 -14.10 -5.48 -0.33
C ILE A 411 -13.60 -6.78 -0.94
N LEU A 412 -12.29 -6.97 -0.97
CA LEU A 412 -11.69 -8.17 -1.54
C LEU A 412 -12.27 -9.47 -0.95
N HIS A 413 -12.56 -10.43 -1.82
CA HIS A 413 -13.18 -11.66 -1.41
C HIS A 413 -12.48 -12.87 -1.97
N ALA A 414 -11.82 -12.70 -3.11
CA ALA A 414 -11.15 -13.81 -3.74
C ALA A 414 -10.08 -13.29 -4.67
N VAL A 415 -8.98 -14.04 -4.75
CA VAL A 415 -7.87 -13.68 -5.60
C VAL A 415 -7.42 -14.90 -6.35
N LEU A 416 -7.77 -15.01 -7.63
CA LEU A 416 -7.32 -16.16 -8.39
C LEU A 416 -5.92 -15.88 -8.86
N VAL A 417 -4.99 -16.76 -8.49
CA VAL A 417 -3.61 -16.58 -8.87
C VAL A 417 -3.25 -17.56 -9.97
N HIS A 418 -2.09 -17.37 -10.60
CA HIS A 418 -1.56 -18.23 -11.65
C HIS A 418 -0.04 -18.05 -11.72
N SER A 419 0.70 -19.14 -11.92
CA SER A 419 2.16 -19.03 -11.97
C SER A 419 2.84 -19.49 -13.26
N GLY A 420 3.90 -18.76 -13.61
CA GLY A 420 4.68 -19.05 -14.81
C GLY A 420 4.52 -18.03 -15.94
N ASP A 421 5.61 -17.37 -16.33
CA ASP A 421 5.61 -16.38 -17.42
C ASP A 421 5.05 -17.08 -18.67
N ASN A 422 4.84 -18.38 -18.55
CA ASN A 422 4.32 -19.21 -19.61
C ASN A 422 2.78 -19.19 -19.53
N HIS A 423 2.10 -19.59 -20.60
CA HIS A 423 0.62 -19.59 -20.62
C HIS A 423 0.02 -20.87 -20.03
N GLY A 424 0.84 -21.60 -19.31
CA GLY A 424 0.41 -22.82 -18.66
C GLY A 424 1.07 -22.82 -17.29
N GLY A 425 0.71 -23.76 -16.43
CA GLY A 425 1.34 -23.76 -15.12
C GLY A 425 0.57 -24.30 -13.93
N HIS A 426 -0.01 -23.41 -13.15
CA HIS A 426 -0.71 -23.82 -11.94
C HIS A 426 -1.73 -22.78 -11.47
N TYR A 427 -2.93 -23.22 -11.11
CA TYR A 427 -3.98 -22.32 -10.64
C TYR A 427 -4.40 -22.52 -9.18
N VAL A 428 -4.35 -21.44 -8.42
CA VAL A 428 -4.75 -21.44 -7.03
C VAL A 428 -5.82 -20.37 -6.89
N VAL A 429 -6.30 -20.19 -5.67
CA VAL A 429 -7.28 -19.14 -5.34
C VAL A 429 -7.40 -18.90 -3.87
N TYR A 430 -7.11 -17.68 -3.46
CA TYR A 430 -7.20 -17.33 -2.06
C TYR A 430 -8.57 -16.77 -1.81
N LEU A 431 -9.04 -17.00 -0.60
CA LEU A 431 -10.34 -16.51 -0.22
C LEU A 431 -10.42 -16.36 1.27
N ASN A 432 -11.45 -15.62 1.67
CA ASN A 432 -11.80 -15.39 3.06
C ASN A 432 -13.31 -15.43 2.88
N PRO A 433 -13.86 -16.65 2.74
CA PRO A 433 -15.26 -17.03 2.53
C PRO A 433 -16.34 -16.26 3.28
N LYS A 434 -16.17 -16.01 4.57
CA LYS A 434 -17.18 -15.23 5.27
C LYS A 434 -16.77 -13.76 5.38
N GLY A 435 -16.00 -13.32 4.40
CA GLY A 435 -15.54 -11.95 4.33
C GLY A 435 -15.12 -11.27 5.62
N ASP A 436 -14.63 -12.06 6.56
CA ASP A 436 -14.20 -11.54 7.87
C ASP A 436 -12.76 -11.03 7.89
N GLY A 437 -12.05 -11.32 6.80
CA GLY A 437 -10.66 -10.92 6.68
C GLY A 437 -9.75 -12.08 6.99
N LYS A 438 -10.36 -13.22 7.32
CA LYS A 438 -9.62 -14.43 7.65
C LYS A 438 -9.51 -15.24 6.37
N TRP A 439 -8.28 -15.44 5.93
CA TRP A 439 -8.00 -16.11 4.68
C TRP A 439 -7.66 -17.60 4.61
N CYS A 440 -7.63 -18.11 3.39
CA CYS A 440 -7.38 -19.50 3.11
C CYS A 440 -6.91 -19.65 1.66
N LYS A 441 -6.04 -20.63 1.43
CA LYS A 441 -5.50 -20.93 0.09
C LYS A 441 -6.09 -22.26 -0.42
N PHE A 442 -6.77 -22.23 -1.57
CA PHE A 442 -7.35 -23.43 -2.15
C PHE A 442 -6.55 -23.94 -3.34
N ASP A 443 -5.43 -24.56 -3.02
CA ASP A 443 -4.50 -25.13 -3.97
C ASP A 443 -4.88 -26.58 -4.31
N ASP A 444 -5.97 -26.73 -5.05
CA ASP A 444 -6.51 -28.02 -5.45
C ASP A 444 -7.15 -28.76 -4.29
N ASP A 445 -6.49 -29.79 -3.77
CA ASP A 445 -7.04 -30.54 -2.64
C ASP A 445 -6.35 -30.16 -1.35
N VAL A 446 -5.65 -29.03 -1.39
CA VAL A 446 -4.91 -28.56 -0.23
C VAL A 446 -5.32 -27.14 0.22
N VAL A 447 -6.42 -27.06 0.99
CA VAL A 447 -6.93 -25.80 1.50
C VAL A 447 -6.28 -25.54 2.84
N SER A 448 -5.47 -24.49 2.89
CA SER A 448 -4.74 -24.13 4.11
C SER A 448 -5.10 -22.75 4.63
N ARG A 449 -4.76 -22.50 5.89
CA ARG A 449 -5.02 -21.20 6.45
C ARG A 449 -3.73 -20.47 6.13
N CYS A 450 -3.83 -19.18 5.79
CA CYS A 450 -2.64 -18.39 5.45
C CYS A 450 -2.84 -16.94 5.86
N THR A 451 -1.76 -16.16 5.82
CA THR A 451 -1.88 -14.77 6.23
C THR A 451 -2.39 -13.87 5.11
N LYS A 452 -2.70 -12.63 5.43
CA LYS A 452 -3.19 -11.69 4.44
C LYS A 452 -2.11 -11.42 3.42
N GLU A 453 -0.94 -10.99 3.91
CA GLU A 453 0.18 -10.69 3.03
C GLU A 453 0.53 -11.82 2.08
N GLU A 454 -0.18 -12.93 2.20
CA GLU A 454 0.05 -14.09 1.34
C GLU A 454 -0.95 -14.16 0.20
N ALA A 455 -2.13 -13.57 0.41
CA ALA A 455 -3.17 -13.57 -0.61
C ALA A 455 -3.17 -12.21 -1.28
N ILE A 456 -2.73 -11.20 -0.55
CA ILE A 456 -2.70 -9.89 -1.13
C ILE A 456 -1.30 -9.47 -1.52
N GLU A 457 -0.68 -8.64 -0.70
CA GLU A 457 0.66 -8.09 -0.95
C GLU A 457 1.64 -9.06 -1.58
N HIS A 458 1.21 -10.32 -1.74
CA HIS A 458 2.04 -11.37 -2.33
C HIS A 458 1.66 -11.71 -3.77
N ASN A 459 0.56 -11.18 -4.26
CA ASN A 459 0.16 -11.48 -5.63
C ASN A 459 0.21 -10.24 -6.53
N TYR A 460 0.96 -9.25 -6.06
CA TYR A 460 1.16 -7.99 -6.78
C TYR A 460 2.23 -8.09 -7.87
N GLY A 461 1.99 -8.94 -8.85
CA GLY A 461 2.94 -9.08 -9.94
C GLY A 461 4.35 -9.54 -9.65
N GLY A 462 5.34 -8.74 -10.06
CA GLY A 462 6.74 -9.07 -9.87
C GLY A 462 7.57 -8.80 -11.11
N HIS A 463 8.59 -7.95 -10.99
CA HIS A 463 9.46 -7.60 -12.11
C HIS A 463 10.77 -8.39 -12.01
N CYS A 472 6.42 -13.22 -11.31
CA CYS A 472 6.68 -14.56 -11.82
C CYS A 472 5.56 -15.51 -11.35
N THR A 473 4.72 -15.00 -10.44
CA THR A 473 3.58 -15.72 -9.86
C THR A 473 2.59 -14.64 -9.45
N ASN A 474 1.36 -14.67 -9.95
CA ASN A 474 0.42 -13.61 -9.58
C ASN A 474 -1.07 -13.81 -9.86
N ALA A 475 -1.82 -12.75 -9.56
CA ALA A 475 -3.28 -12.68 -9.71
C ALA A 475 -3.77 -12.14 -11.02
N TYR A 476 -4.80 -12.77 -11.58
CA TYR A 476 -5.37 -12.34 -12.83
C TYR A 476 -6.84 -11.94 -12.71
N MET A 477 -7.53 -12.50 -11.73
CA MET A 477 -8.94 -12.17 -11.48
C MET A 477 -9.15 -11.78 -10.03
N LEU A 478 -10.27 -11.11 -9.75
CA LEU A 478 -10.59 -10.69 -8.39
C LEU A 478 -12.10 -10.66 -8.17
N VAL A 479 -12.55 -10.92 -6.94
CA VAL A 479 -13.96 -10.85 -6.61
C VAL A 479 -14.08 -9.87 -5.49
N TYR A 480 -14.98 -8.92 -5.64
CA TYR A 480 -15.23 -7.92 -4.60
C TYR A 480 -16.72 -7.94 -4.36
N ILE A 481 -17.09 -7.68 -3.11
CA ILE A 481 -18.49 -7.64 -2.72
C ILE A 481 -18.76 -6.24 -2.15
N ARG A 482 -19.92 -5.67 -2.44
CA ARG A 482 -20.22 -4.34 -1.94
C ARG A 482 -20.37 -4.42 -0.43
N GLU A 483 -19.87 -3.39 0.25
CA GLU A 483 -19.87 -3.29 1.71
C GLU A 483 -21.23 -3.32 2.37
N SER A 484 -22.25 -2.91 1.64
CA SER A 484 -23.62 -2.88 2.19
C SER A 484 -24.38 -4.18 1.97
N LYS A 485 -23.94 -4.96 1.00
CA LYS A 485 -24.60 -6.21 0.71
C LYS A 485 -23.81 -7.42 1.17
N LEU A 486 -22.76 -7.19 1.94
CA LEU A 486 -21.95 -8.31 2.40
C LEU A 486 -22.77 -9.39 3.09
N SER A 487 -23.31 -9.08 4.27
CA SER A 487 -24.08 -10.05 5.01
C SER A 487 -25.07 -10.85 4.15
N GLU A 488 -25.65 -10.23 3.11
CA GLU A 488 -26.59 -10.96 2.28
C GLU A 488 -25.91 -11.91 1.31
N VAL A 489 -24.91 -11.41 0.61
CA VAL A 489 -24.20 -12.23 -0.35
C VAL A 489 -23.57 -13.42 0.34
N LEU A 490 -23.13 -13.22 1.58
CA LEU A 490 -22.50 -14.30 2.32
C LEU A 490 -23.38 -14.94 3.40
N GLN A 491 -24.68 -15.05 3.12
CA GLN A 491 -25.64 -15.66 4.03
C GLN A 491 -25.12 -16.91 4.75
N ALA A 492 -25.93 -17.43 5.67
CA ALA A 492 -25.55 -18.60 6.43
C ALA A 492 -26.02 -19.88 5.73
N VAL A 493 -25.12 -20.86 5.65
CA VAL A 493 -25.43 -22.13 5.02
C VAL A 493 -25.81 -23.22 6.04
N THR A 494 -26.86 -23.97 5.75
CA THR A 494 -27.30 -25.06 6.63
C THR A 494 -27.65 -26.32 5.84
N ASP A 495 -27.38 -27.46 6.44
CA ASP A 495 -27.69 -28.73 5.81
C ASP A 495 -29.18 -28.77 5.48
N HIS A 496 -29.95 -27.87 6.08
CA HIS A 496 -31.39 -27.83 5.86
C HIS A 496 -31.83 -26.81 4.83
N ASP A 497 -30.99 -26.54 3.84
CA ASP A 497 -31.34 -25.61 2.76
C ASP A 497 -31.47 -26.46 1.50
N ILE A 498 -30.61 -27.47 1.41
CA ILE A 498 -30.61 -28.37 0.27
C ILE A 498 -31.96 -29.08 0.24
N PRO A 499 -32.74 -28.91 -0.85
CA PRO A 499 -34.06 -29.50 -1.02
C PRO A 499 -34.40 -30.57 0.00
N GLN A 500 -34.14 -31.81 -0.38
CA GLN A 500 -34.38 -32.98 0.45
C GLN A 500 -34.43 -34.04 -0.60
N GLN A 501 -35.41 -33.92 -1.47
CA GLN A 501 -35.56 -34.87 -2.56
C GLN A 501 -34.22 -34.85 -3.31
N LEU A 502 -33.49 -33.74 -3.21
CA LEU A 502 -32.19 -33.59 -3.88
C LEU A 502 -31.13 -34.41 -3.18
N VAL A 503 -31.00 -34.19 -1.87
CA VAL A 503 -30.03 -34.94 -1.10
C VAL A 503 -30.28 -36.41 -1.43
N GLU A 504 -31.54 -36.73 -1.72
CA GLU A 504 -31.96 -38.11 -2.06
C GLU A 504 -31.51 -38.54 -3.44
N ARG A 505 -31.78 -37.73 -4.46
CA ARG A 505 -31.37 -38.08 -5.81
C ARG A 505 -29.86 -38.24 -5.84
N LEU A 506 -29.17 -37.28 -5.22
CA LEU A 506 -27.72 -37.32 -5.15
C LEU A 506 -27.35 -38.60 -4.43
N GLN A 507 -28.26 -39.09 -3.59
CA GLN A 507 -28.03 -40.32 -2.84
C GLN A 507 -28.19 -41.57 -3.70
N GLU A 508 -29.33 -41.70 -4.40
CA GLU A 508 -29.53 -42.88 -5.25
C GLU A 508 -28.35 -43.07 -6.17
N GLU A 509 -28.09 -42.09 -7.03
CA GLU A 509 -26.98 -42.17 -7.96
C GLU A 509 -25.74 -42.62 -7.21
N LYS A 510 -25.69 -42.38 -5.91
CA LYS A 510 -24.55 -42.83 -5.17
C LYS A 510 -24.82 -44.08 -4.35
N ARG A 511 -25.33 -45.10 -5.02
CA ARG A 511 -25.61 -46.41 -4.45
C ARG A 511 -25.48 -47.33 -5.64
N ILE A 512 -25.88 -46.77 -6.78
CA ILE A 512 -25.88 -47.44 -8.06
C ILE A 512 -24.49 -47.55 -8.72
N GLU A 513 -23.95 -48.77 -8.68
CA GLU A 513 -22.65 -49.16 -9.27
C GLU A 513 -21.33 -48.55 -8.73
N THR B 25 12.89 33.89 27.70
CA THR B 25 11.76 33.49 28.59
C THR B 25 11.89 32.07 29.13
N SER B 26 10.97 31.18 28.79
CA SER B 26 11.03 29.78 29.24
C SER B 26 10.88 28.83 28.07
N TRP B 27 9.90 29.09 27.21
CA TRP B 27 9.66 28.25 26.05
C TRP B 27 10.48 28.69 24.83
N ARG B 28 11.65 29.30 25.08
CA ARG B 28 12.51 29.76 23.99
C ARG B 28 12.86 28.63 23.02
N SER B 29 12.99 28.98 21.75
CA SER B 29 13.29 28.00 20.71
C SER B 29 14.75 27.57 20.67
N GLU B 30 15.62 28.25 21.42
CA GLU B 30 17.03 27.91 21.45
C GLU B 30 17.80 28.55 22.60
N ALA B 31 18.87 27.88 23.04
CA ALA B 31 19.70 28.36 24.15
C ALA B 31 21.11 27.76 24.25
N THR B 32 21.98 28.49 24.93
CA THR B 32 23.38 28.11 25.16
C THR B 32 23.59 28.00 26.68
N PHE B 33 24.17 26.89 27.16
CA PHE B 33 24.40 26.77 28.58
C PHE B 33 25.66 26.03 28.92
N GLN B 34 26.20 26.34 30.10
CA GLN B 34 27.44 25.75 30.62
C GLN B 34 27.36 24.79 31.80
N PHE B 35 28.37 23.94 31.89
CA PHE B 35 28.53 23.01 32.99
C PHE B 35 30.02 22.75 33.14
N THR B 36 30.60 23.15 34.25
CA THR B 36 32.01 22.93 34.44
C THR B 36 32.22 21.83 35.46
N VAL B 37 33.15 20.92 35.17
CA VAL B 37 33.47 19.84 36.06
C VAL B 37 34.78 20.20 36.72
N GLU B 38 34.79 20.16 38.04
CA GLU B 38 35.96 20.52 38.82
C GLU B 38 36.67 19.27 39.28
N ARG B 39 37.94 19.38 39.63
CA ARG B 39 38.66 18.22 40.09
C ARG B 39 38.36 17.13 39.07
N PHE B 40 38.75 17.37 37.82
CA PHE B 40 38.47 16.40 36.77
C PHE B 40 39.40 15.20 36.79
N SER B 41 40.66 15.43 36.48
CA SER B 41 41.65 14.36 36.42
C SER B 41 41.18 13.12 37.17
N ARG B 42 40.81 13.31 38.43
CA ARG B 42 40.35 12.22 39.28
C ARG B 42 38.89 11.85 39.10
N LEU B 43 38.39 11.86 37.86
CA LEU B 43 36.99 11.52 37.64
C LEU B 43 36.80 10.02 37.81
N SER B 44 35.54 9.59 37.89
CA SER B 44 35.28 8.18 38.13
C SER B 44 33.92 7.74 37.66
N GLU B 45 32.96 8.64 37.77
CA GLU B 45 31.60 8.36 37.40
C GLU B 45 31.03 9.46 36.53
N SER B 46 29.76 9.31 36.17
CA SER B 46 29.09 10.28 35.31
C SER B 46 28.52 11.44 36.13
N VAL B 47 28.66 12.67 35.64
CA VAL B 47 28.15 13.83 36.37
C VAL B 47 27.20 14.68 35.54
N LEU B 48 25.92 14.69 35.91
CA LEU B 48 24.91 15.51 35.21
C LEU B 48 25.13 16.92 35.68
N SER B 49 24.66 17.88 34.91
CA SER B 49 24.78 19.27 35.32
C SER B 49 23.38 19.75 35.69
N PRO B 50 23.27 21.00 36.11
CA PRO B 50 21.93 21.49 36.43
C PRO B 50 21.24 21.69 35.06
N PRO B 51 19.92 21.59 35.02
CA PRO B 51 19.21 21.76 33.76
C PRO B 51 19.17 23.20 33.24
N CYS B 52 18.76 23.34 31.98
CA CYS B 52 18.57 24.63 31.30
C CYS B 52 17.29 24.28 30.62
N PHE B 53 16.43 25.27 30.39
CA PHE B 53 15.17 24.97 29.74
C PHE B 53 15.02 25.50 28.33
N VAL B 54 14.52 24.64 27.45
CA VAL B 54 14.25 24.99 26.07
C VAL B 54 12.96 24.28 25.75
N ARG B 55 12.04 24.96 25.08
CA ARG B 55 10.72 24.41 24.76
C ARG B 55 10.11 23.92 26.05
N ASN B 56 10.45 24.61 27.13
CA ASN B 56 9.96 24.26 28.45
C ASN B 56 10.23 22.77 28.64
N LEU B 57 11.53 22.47 28.65
CA LEU B 57 12.03 21.11 28.82
C LEU B 57 13.39 21.21 29.48
N PRO B 58 13.71 20.25 30.35
CA PRO B 58 15.02 20.31 31.01
C PRO B 58 16.10 19.61 30.19
N TRP B 59 17.02 20.40 29.68
CA TRP B 59 18.11 19.89 28.90
C TRP B 59 19.33 19.99 29.79
N LYS B 60 20.02 18.87 30.00
CA LYS B 60 21.20 18.86 30.84
C LYS B 60 22.36 18.30 30.05
N ILE B 61 23.57 18.59 30.52
CA ILE B 61 24.83 18.14 29.93
C ILE B 61 25.33 16.95 30.71
N MET B 62 25.74 15.91 29.98
CA MET B 62 26.25 14.69 30.58
C MET B 62 27.74 14.51 30.32
N VAL B 63 28.54 14.37 31.38
CA VAL B 63 29.97 14.13 31.19
C VAL B 63 30.30 12.81 31.81
N MET B 64 30.66 11.85 30.97
CA MET B 64 30.98 10.52 31.47
C MET B 64 32.30 10.05 30.91
N PRO B 65 33.30 9.87 31.78
CA PRO B 65 34.57 9.41 31.23
C PRO B 65 34.21 8.05 30.63
N ARG B 66 35.02 7.51 29.73
CA ARG B 66 34.63 6.21 29.19
C ARG B 66 35.82 5.35 28.98
N PHE B 67 35.80 4.22 29.70
CA PHE B 67 36.82 3.14 29.84
C PHE B 67 38.06 2.81 29.03
N TYR B 68 38.86 1.97 29.68
CA TYR B 68 40.06 1.39 29.12
C TYR B 68 39.78 -0.08 29.36
N PRO B 69 39.53 -0.84 28.30
CA PRO B 69 39.23 -2.27 28.42
C PRO B 69 40.35 -3.09 29.07
N ASP B 70 41.57 -2.66 28.79
CA ASP B 70 42.77 -3.30 29.30
C ASP B 70 43.13 -2.77 30.68
N ARG B 71 44.25 -2.07 30.81
CA ARG B 71 44.62 -1.52 32.11
C ARG B 71 43.79 -0.25 32.37
N PRO B 72 43.41 -0.01 33.64
CA PRO B 72 42.61 1.13 34.09
C PRO B 72 43.18 2.55 34.29
N HIS B 73 42.60 3.48 33.52
CA HIS B 73 42.90 4.91 33.57
C HIS B 73 42.10 5.78 32.55
N GLN B 74 40.79 5.51 32.44
CA GLN B 74 39.94 6.26 31.52
C GLN B 74 40.60 6.24 30.13
N LYS B 75 40.08 7.00 29.17
CA LYS B 75 40.68 7.00 27.84
C LYS B 75 40.02 8.07 27.04
N SER B 76 38.71 8.12 27.17
CA SER B 76 37.91 9.11 26.48
C SER B 76 36.89 9.75 27.40
N VAL B 77 36.47 10.95 27.00
CA VAL B 77 35.52 11.73 27.73
C VAL B 77 34.18 11.66 27.05
N GLY B 78 33.21 11.10 27.74
CA GLY B 78 31.86 11.03 27.22
C GLY B 78 31.37 12.48 27.26
N PHE B 79 30.25 12.75 26.59
CA PHE B 79 29.71 14.11 26.51
C PHE B 79 28.40 13.98 25.76
N PHE B 80 27.30 14.18 26.47
CA PHE B 80 26.00 14.02 25.85
C PHE B 80 25.09 15.17 26.18
N LEU B 81 23.86 15.07 25.67
CA LEU B 81 22.83 16.07 25.86
C LEU B 81 21.54 15.36 26.23
N GLN B 82 21.22 15.41 27.50
CA GLN B 82 20.02 14.77 28.05
C GLN B 82 18.79 15.63 27.84
N CYS B 83 17.69 14.99 27.46
CA CYS B 83 16.47 15.76 27.26
C CYS B 83 15.27 15.25 28.06
N ASN B 84 14.96 15.96 29.15
CA ASN B 84 13.80 15.67 30.01
C ASN B 84 13.85 14.21 30.46
N ALA B 85 15.00 13.79 31.00
CA ALA B 85 15.18 12.40 31.43
C ALA B 85 14.25 11.92 32.52
N GLU B 86 14.16 12.71 33.58
CA GLU B 86 13.35 12.39 34.75
C GLU B 86 11.85 12.19 34.55
N SER B 87 11.28 12.82 33.54
CA SER B 87 9.85 12.70 33.26
C SER B 87 9.41 11.28 32.98
N ASP B 88 8.26 10.93 33.54
CA ASP B 88 7.71 9.59 33.37
C ASP B 88 6.76 9.51 32.22
N SER B 89 6.68 10.56 31.42
CA SER B 89 5.77 10.50 30.29
C SER B 89 6.45 9.68 29.21
N THR B 90 5.66 8.98 28.39
CA THR B 90 6.18 8.17 27.32
C THR B 90 5.83 8.92 26.05
N SER B 91 4.70 9.61 26.09
CA SER B 91 4.21 10.38 24.96
C SER B 91 4.69 11.83 24.93
N TRP B 92 5.89 12.05 24.40
CA TRP B 92 6.50 13.38 24.31
C TRP B 92 7.71 13.34 23.42
N SER B 93 7.80 14.27 22.47
CA SER B 93 8.97 14.24 21.62
C SER B 93 9.45 15.60 21.17
N CYS B 94 10.76 15.77 21.24
CA CYS B 94 11.38 17.00 20.84
C CYS B 94 12.60 16.69 19.95
N HIS B 95 12.74 17.45 18.87
CA HIS B 95 13.83 17.27 17.95
C HIS B 95 14.74 18.48 18.09
N ALA B 96 16.04 18.28 18.08
CA ALA B 96 16.92 19.42 18.23
C ALA B 96 18.29 19.30 17.60
N GLN B 97 18.84 20.44 17.25
CA GLN B 97 20.18 20.50 16.69
C GLN B 97 20.95 20.84 17.93
N ALA B 98 22.27 21.00 17.82
CA ALA B 98 23.10 21.35 18.98
C ALA B 98 24.59 21.31 18.66
N VAL B 99 25.36 21.86 19.57
CA VAL B 99 26.80 21.88 19.42
C VAL B 99 27.40 21.60 20.79
N LEU B 100 27.98 20.41 20.96
CA LEU B 100 28.62 20.04 22.22
C LEU B 100 30.02 20.59 22.04
N LYS B 101 30.46 21.45 22.95
CA LYS B 101 31.75 22.07 22.81
C LYS B 101 32.51 22.08 24.12
N ILE B 102 33.82 21.90 24.07
CA ILE B 102 34.60 21.99 25.28
C ILE B 102 35.44 23.22 25.01
N ILE B 103 35.39 24.18 25.92
CA ILE B 103 36.11 25.41 25.72
C ILE B 103 37.55 25.39 26.15
N ASN B 104 38.35 26.17 25.43
CA ASN B 104 39.77 26.31 25.66
C ASN B 104 40.00 27.52 26.54
N TYR B 105 40.80 27.35 27.58
CA TYR B 105 41.10 28.42 28.51
C TYR B 105 42.27 29.27 28.03
N ARG B 106 42.58 29.16 26.73
CA ARG B 106 43.67 29.93 26.13
C ARG B 106 43.14 30.72 24.92
N ASP B 107 42.15 30.16 24.23
CA ASP B 107 41.52 30.80 23.07
C ASP B 107 40.24 30.09 22.65
N ASP B 108 39.16 30.85 22.52
CA ASP B 108 37.85 30.30 22.15
C ASP B 108 37.83 29.65 20.77
N GLU B 109 38.65 30.14 19.84
CA GLU B 109 38.69 29.61 18.49
C GLU B 109 39.44 28.28 18.39
N LYS B 110 40.08 27.88 19.48
CA LYS B 110 40.79 26.61 19.51
C LYS B 110 39.97 25.61 20.32
N SER B 111 38.69 25.91 20.52
CA SER B 111 37.79 25.04 21.27
C SER B 111 37.14 23.96 20.41
N PHE B 112 37.45 22.72 20.75
CA PHE B 112 36.94 21.58 20.03
C PHE B 112 35.44 21.45 20.24
N SER B 113 34.68 21.27 19.16
CA SER B 113 33.23 21.16 19.26
C SER B 113 32.55 20.45 18.09
N ARG B 114 31.79 19.39 18.41
CA ARG B 114 31.09 18.61 17.39
C ARG B 114 29.62 18.98 17.31
N ARG B 115 28.90 18.36 16.38
CA ARG B 115 27.49 18.69 16.24
C ARG B 115 26.59 17.50 16.30
N ILE B 116 25.33 17.71 16.66
CA ILE B 116 24.35 16.63 16.72
C ILE B 116 22.92 17.05 16.40
N SER B 117 22.20 16.13 15.78
CA SER B 117 20.81 16.32 15.42
C SER B 117 20.23 15.08 16.04
N HIS B 118 18.94 15.11 16.38
CA HIS B 118 18.33 13.94 16.98
C HIS B 118 16.89 14.17 17.40
N LEU B 119 16.16 13.08 17.48
CA LEU B 119 14.77 13.10 17.93
C LEU B 119 14.84 12.62 19.37
N PHE B 120 14.42 13.46 20.32
CA PHE B 120 14.47 13.03 21.70
C PHE B 120 13.10 12.56 22.19
N PHE B 121 13.14 11.55 23.07
CA PHE B 121 11.96 10.93 23.68
C PHE B 121 12.44 9.80 24.61
N HIS B 122 11.86 9.75 25.81
CA HIS B 122 12.23 8.76 26.82
C HIS B 122 13.12 7.60 26.39
N LYS B 123 12.68 6.81 25.43
CA LYS B 123 13.48 5.67 25.00
C LYS B 123 14.87 6.11 24.53
N GLU B 124 15.01 7.39 24.19
CA GLU B 124 16.29 7.92 23.75
C GLU B 124 16.48 9.37 24.21
N ASN B 125 16.18 9.62 25.48
CA ASN B 125 16.28 10.96 26.06
C ASN B 125 17.68 11.55 26.03
N ASP B 126 18.65 10.72 25.72
CA ASP B 126 20.04 11.16 25.70
C ASP B 126 20.72 10.90 24.35
N TRP B 127 21.72 11.73 24.02
CA TRP B 127 22.45 11.59 22.75
C TRP B 127 23.76 12.35 22.84
N GLY B 128 24.81 11.80 22.24
CA GLY B 128 26.10 12.45 22.25
C GLY B 128 27.28 11.67 21.70
N PHE B 129 28.44 11.80 22.35
CA PHE B 129 29.64 11.13 21.90
C PHE B 129 30.36 10.30 22.97
N SER B 130 30.26 8.97 22.88
CA SER B 130 30.90 8.10 23.86
C SER B 130 32.37 8.40 23.92
N ASN B 131 32.89 8.82 22.78
CA ASN B 131 34.30 9.18 22.57
C ASN B 131 34.29 10.60 21.99
N PHE B 132 33.82 11.57 22.76
CA PHE B 132 33.77 12.94 22.26
C PHE B 132 35.16 13.53 22.09
N MET B 133 36.11 13.04 22.87
CA MET B 133 37.45 13.54 22.75
C MET B 133 38.45 12.50 23.26
N ALA B 134 39.74 12.79 23.15
CA ALA B 134 40.75 11.86 23.63
C ALA B 134 41.17 12.27 25.05
N TRP B 135 40.86 11.44 26.04
CA TRP B 135 41.19 11.78 27.42
C TRP B 135 42.60 12.35 27.53
N SER B 136 43.54 11.68 26.90
CA SER B 136 44.93 12.13 26.95
C SER B 136 45.06 13.61 26.54
N GLU B 137 44.17 14.02 25.64
CA GLU B 137 44.16 15.37 25.12
C GLU B 137 43.62 16.43 26.06
N VAL B 138 42.33 16.30 26.39
CA VAL B 138 41.67 17.25 27.28
C VAL B 138 42.43 17.47 28.59
N THR B 139 43.32 16.54 28.94
CA THR B 139 44.11 16.61 30.15
C THR B 139 45.51 17.22 29.98
N ASP B 140 45.97 17.40 28.75
CA ASP B 140 47.28 17.98 28.46
C ASP B 140 47.30 19.45 28.88
N PRO B 141 47.72 19.73 30.11
CA PRO B 141 47.79 21.08 30.69
C PRO B 141 48.16 22.27 29.84
N GLU B 142 49.02 22.11 28.84
CA GLU B 142 49.36 23.27 28.05
C GLU B 142 48.57 23.42 26.74
N LYS B 143 47.38 22.82 26.71
CA LYS B 143 46.49 22.92 25.54
C LYS B 143 45.25 23.73 25.93
N GLY B 144 45.30 24.33 27.11
CA GLY B 144 44.20 25.15 27.58
C GLY B 144 42.99 24.47 28.19
N PHE B 145 42.49 23.44 27.52
CA PHE B 145 41.31 22.70 27.97
C PHE B 145 41.10 22.54 29.47
N ILE B 146 42.18 22.58 30.25
CA ILE B 146 42.04 22.41 31.69
C ILE B 146 42.65 23.57 32.48
N ASP B 147 42.30 23.66 33.76
CA ASP B 147 42.82 24.69 34.64
C ASP B 147 42.34 24.30 36.04
N ASP B 148 43.26 23.90 36.91
CA ASP B 148 42.90 23.50 38.25
C ASP B 148 41.94 22.31 38.16
N ASP B 149 42.25 21.38 37.27
CA ASP B 149 41.45 20.18 37.08
C ASP B 149 39.99 20.43 36.76
N LYS B 150 39.67 21.57 36.19
CA LYS B 150 38.28 21.85 35.83
C LYS B 150 38.14 21.92 34.31
N VAL B 151 36.98 21.53 33.81
CA VAL B 151 36.75 21.57 32.37
C VAL B 151 35.36 22.11 32.13
N THR B 152 35.23 23.05 31.22
CA THR B 152 33.94 23.64 30.96
C THR B 152 33.29 23.14 29.67
N PHE B 153 32.05 22.66 29.79
CA PHE B 153 31.30 22.15 28.66
C PHE B 153 30.17 23.09 28.35
N GLU B 154 30.02 23.41 27.06
CA GLU B 154 28.99 24.32 26.60
C GLU B 154 28.09 23.62 25.61
N VAL B 155 26.81 23.96 25.61
CA VAL B 155 25.88 23.31 24.70
C VAL B 155 24.80 24.21 24.08
N PHE B 156 25.08 24.82 22.94
CA PHE B 156 24.08 25.66 22.30
C PHE B 156 23.06 24.74 21.62
N VAL B 157 21.90 24.57 22.25
CA VAL B 157 20.87 23.69 21.71
C VAL B 157 19.86 24.50 20.89
N GLN B 158 19.27 23.90 19.86
CA GLN B 158 18.23 24.54 19.05
C GLN B 158 17.13 23.49 18.93
N ALA B 159 16.04 23.69 19.65
CA ALA B 159 14.94 22.76 19.62
C ALA B 159 13.82 23.23 18.77
N ASP B 160 12.91 22.32 18.48
CA ASP B 160 11.75 22.64 17.65
C ASP B 160 10.54 22.76 18.61
N ALA B 161 9.38 22.34 18.11
CA ALA B 161 8.17 22.34 18.90
C ALA B 161 7.96 20.92 19.36
N PRO B 162 7.75 20.71 20.65
CA PRO B 162 7.57 19.35 21.11
C PRO B 162 6.12 18.97 21.26
N HIS B 163 5.88 17.66 21.35
CA HIS B 163 4.55 17.12 21.54
C HIS B 163 4.68 16.53 22.94
N GLY B 164 3.61 16.58 23.74
CA GLY B 164 3.71 16.02 25.07
C GLY B 164 3.91 17.08 26.11
N VAL B 165 3.79 18.34 25.69
CA VAL B 165 3.90 19.50 26.56
C VAL B 165 2.57 20.25 26.42
N ALA B 166 2.56 21.40 25.76
CA ALA B 166 1.33 22.14 25.56
C ALA B 166 1.42 22.86 24.22
N TRP B 167 2.25 23.89 24.18
CA TRP B 167 2.46 24.65 22.97
C TRP B 167 1.22 25.45 22.58
N ASP B 168 0.07 24.99 23.06
CA ASP B 168 -1.23 25.61 22.79
C ASP B 168 -1.25 26.31 21.43
N SER B 169 -1.00 25.49 20.40
CA SER B 169 -0.96 25.91 19.00
C SER B 169 -1.30 27.37 18.69
N LYS B 170 -2.52 27.62 18.23
CA LYS B 170 -3.00 28.93 17.82
C LYS B 170 -2.20 30.18 18.25
N LYS B 171 -2.04 30.38 19.55
CA LYS B 171 -1.32 31.55 20.06
C LYS B 171 0.06 31.79 19.44
N HIS B 172 0.65 30.72 18.92
CA HIS B 172 1.98 30.77 18.29
C HIS B 172 1.96 30.79 16.76
N THR B 173 0.86 30.36 16.16
CA THR B 173 0.75 30.31 14.71
C THR B 173 -0.50 30.99 14.18
N GLY B 174 -1.57 30.93 14.96
CA GLY B 174 -2.83 31.50 14.53
C GLY B 174 -3.72 30.37 14.08
N TYR B 175 -3.11 29.23 13.81
CA TYR B 175 -3.81 28.03 13.36
C TYR B 175 -3.63 26.89 14.36
N VAL B 176 -4.65 26.07 14.54
CA VAL B 176 -4.58 24.92 15.44
C VAL B 176 -4.14 23.68 14.64
N GLY B 177 -4.35 22.48 15.18
CA GLY B 177 -3.95 21.26 14.48
C GLY B 177 -4.91 20.06 14.56
N LEU B 178 -4.37 18.85 14.37
CA LEU B 178 -5.13 17.59 14.40
C LEU B 178 -4.54 16.53 15.37
N LYS B 179 -5.37 15.63 15.88
CA LYS B 179 -4.95 14.56 16.81
C LYS B 179 -4.18 13.46 16.08
N ASN B 180 -2.93 13.26 16.48
CA ASN B 180 -1.99 12.29 15.91
C ASN B 180 -2.47 11.35 14.80
N GLN B 181 -1.59 11.20 13.82
CA GLN B 181 -1.81 10.38 12.64
C GLN B 181 -1.76 8.89 12.89
N GLY B 182 -2.57 8.40 13.82
CA GLY B 182 -2.59 6.98 14.12
C GLY B 182 -2.17 6.13 12.94
N ALA B 183 -3.12 5.49 12.29
CA ALA B 183 -2.79 4.67 11.13
C ALA B 183 -3.17 5.40 9.85
N THR B 184 -3.56 6.66 10.00
CA THR B 184 -3.97 7.49 8.87
C THR B 184 -2.84 7.95 7.96
N CYS B 185 -1.62 7.99 8.44
CA CYS B 185 -0.52 8.41 7.60
C CYS B 185 -0.68 9.82 7.04
N TYR B 186 -0.75 9.88 5.71
CA TYR B 186 -0.87 11.11 4.96
C TYR B 186 -2.24 11.75 4.99
N MET B 187 -3.07 11.45 5.96
CA MET B 187 -4.40 12.05 5.95
C MET B 187 -4.51 13.40 6.63
N ASN B 188 -4.18 13.47 7.90
CA ASN B 188 -4.30 14.74 8.58
C ASN B 188 -3.54 15.81 7.80
N SER B 189 -2.70 15.38 6.85
CA SER B 189 -1.90 16.28 6.02
C SER B 189 -2.68 16.78 4.84
N LEU B 190 -3.67 15.99 4.44
CA LEU B 190 -4.54 16.29 3.30
C LEU B 190 -5.64 17.22 3.78
N LEU B 191 -6.06 17.06 5.03
CA LEU B 191 -7.09 17.92 5.57
C LEU B 191 -6.55 19.35 5.71
N GLN B 192 -5.35 19.48 6.26
CA GLN B 192 -4.75 20.79 6.41
C GLN B 192 -4.63 21.49 5.08
N THR B 193 -4.35 20.72 4.03
CA THR B 193 -4.20 21.28 2.68
C THR B 193 -5.51 21.74 2.04
N LEU B 194 -6.60 21.03 2.30
CA LEU B 194 -7.87 21.44 1.73
C LEU B 194 -8.42 22.62 2.52
N PHE B 195 -8.41 22.49 3.85
CA PHE B 195 -8.93 23.52 4.75
C PHE B 195 -8.39 24.87 4.41
N PHE B 196 -7.19 24.88 3.83
CA PHE B 196 -6.56 26.12 3.44
C PHE B 196 -6.75 26.49 1.98
N THR B 197 -7.73 25.86 1.36
CA THR B 197 -8.12 26.16 -0.01
C THR B 197 -9.43 26.90 0.30
N ASN B 198 -9.33 27.96 1.10
CA ASN B 198 -10.47 28.77 1.54
C ASN B 198 -11.67 28.62 0.64
N GLN B 199 -11.49 29.04 -0.61
CA GLN B 199 -12.57 28.97 -1.58
C GLN B 199 -13.34 27.66 -1.49
N LEU B 200 -12.63 26.58 -1.24
CA LEU B 200 -13.27 25.28 -1.12
C LEU B 200 -14.01 25.27 0.21
N ARG B 201 -13.33 25.71 1.26
CA ARG B 201 -13.90 25.74 2.60
C ARG B 201 -15.34 26.24 2.52
N LYS B 202 -15.49 27.51 2.16
CA LYS B 202 -16.81 28.12 2.05
C LYS B 202 -17.75 27.11 1.42
N ALA B 203 -17.40 26.67 0.23
CA ALA B 203 -18.18 25.72 -0.54
C ALA B 203 -18.58 24.47 0.21
N VAL B 204 -17.74 23.99 1.09
CA VAL B 204 -18.09 22.79 1.84
C VAL B 204 -19.15 23.12 2.87
N TYR B 205 -18.96 24.25 3.55
CA TYR B 205 -19.89 24.74 4.56
C TYR B 205 -21.28 24.96 3.92
N MET B 206 -21.30 25.23 2.62
CA MET B 206 -22.56 25.47 1.97
C MET B 206 -23.33 24.23 1.63
N MET B 207 -22.85 23.08 2.08
CA MET B 207 -23.55 21.84 1.78
C MET B 207 -24.74 21.50 2.68
N PRO B 208 -25.89 21.14 2.07
CA PRO B 208 -27.21 20.74 2.56
C PRO B 208 -27.20 19.53 3.48
N THR B 209 -26.47 19.61 4.58
CA THR B 209 -26.30 18.51 5.52
C THR B 209 -27.21 18.33 6.71
N GLU B 210 -28.50 18.58 6.56
CA GLU B 210 -29.42 18.39 7.68
C GLU B 210 -29.92 16.95 7.68
N GLY B 211 -30.30 16.45 6.51
CA GLY B 211 -30.81 15.10 6.42
C GLY B 211 -29.77 14.10 6.88
N ASP B 212 -28.56 14.34 6.42
CA ASP B 212 -27.42 13.51 6.73
C ASP B 212 -27.41 12.92 8.13
N ASP B 213 -27.06 11.65 8.21
CA ASP B 213 -26.95 10.87 9.45
C ASP B 213 -25.57 11.17 10.01
N SER B 214 -25.49 11.74 11.21
CA SER B 214 -24.19 12.10 11.78
C SER B 214 -23.01 11.12 11.62
N SER B 215 -23.31 9.84 11.77
CA SER B 215 -22.29 8.80 11.70
C SER B 215 -21.95 8.29 10.32
N LYS B 216 -22.71 8.70 9.31
CA LYS B 216 -22.43 8.20 7.97
C LYS B 216 -22.05 9.24 6.90
N SER B 217 -22.40 10.51 7.07
CA SER B 217 -22.05 11.51 6.07
C SER B 217 -20.67 12.13 6.19
N VAL B 218 -19.94 12.05 5.09
CA VAL B 218 -18.60 12.58 5.01
C VAL B 218 -18.61 14.10 4.86
N PRO B 219 -19.55 14.62 4.07
CA PRO B 219 -19.61 16.07 3.90
C PRO B 219 -19.80 16.71 5.25
N LEU B 220 -20.56 16.03 6.13
CA LEU B 220 -20.81 16.55 7.47
C LEU B 220 -19.51 16.46 8.25
N ALA B 221 -18.90 15.28 8.24
CA ALA B 221 -17.62 15.06 8.91
C ALA B 221 -16.63 16.14 8.49
N LEU B 222 -16.57 16.38 7.18
CA LEU B 222 -15.64 17.37 6.67
C LEU B 222 -16.00 18.74 7.22
N GLN B 223 -17.28 19.11 7.11
CA GLN B 223 -17.73 20.40 7.63
C GLN B 223 -17.17 20.47 9.04
N ARG B 224 -17.67 19.62 9.91
CA ARG B 224 -17.21 19.57 11.29
C ARG B 224 -15.69 19.73 11.38
N VAL B 225 -14.95 18.83 10.73
CA VAL B 225 -13.51 18.91 10.78
C VAL B 225 -13.09 20.28 10.28
N PHE B 226 -13.65 20.73 9.16
CA PHE B 226 -13.30 22.06 8.66
C PHE B 226 -13.75 23.15 9.63
N TYR B 227 -14.94 22.98 10.19
CA TYR B 227 -15.50 23.90 11.17
C TYR B 227 -14.58 24.01 12.38
N GLU B 228 -14.34 22.88 13.03
CA GLU B 228 -13.50 22.86 14.20
C GLU B 228 -12.10 23.42 13.98
N LEU B 229 -11.56 23.30 12.78
CA LEU B 229 -10.23 23.82 12.54
C LEU B 229 -10.30 25.35 12.51
N GLN B 230 -11.41 25.86 12.02
CA GLN B 230 -11.59 27.28 11.93
C GLN B 230 -11.86 27.93 13.28
N HIS B 231 -12.51 27.20 14.19
CA HIS B 231 -12.85 27.78 15.49
C HIS B 231 -12.03 27.32 16.68
N SER B 232 -12.29 26.11 17.18
CA SER B 232 -11.63 25.53 18.35
C SER B 232 -10.14 25.87 18.50
N ASP B 233 -9.66 25.88 19.74
CA ASP B 233 -8.25 26.20 20.00
C ASP B 233 -7.48 24.99 20.52
N LYS B 234 -8.13 23.83 20.44
CA LYS B 234 -7.52 22.58 20.87
C LYS B 234 -7.47 21.69 19.63
N PRO B 235 -6.47 20.78 19.55
CA PRO B 235 -6.34 19.89 18.40
C PRO B 235 -7.68 19.27 18.01
N VAL B 236 -7.92 19.15 16.70
CA VAL B 236 -9.18 18.62 16.22
C VAL B 236 -9.17 17.13 15.97
N GLY B 237 -10.18 16.43 16.49
CA GLY B 237 -10.29 15.00 16.30
C GLY B 237 -10.76 14.64 14.92
N THR B 238 -10.51 13.41 14.48
CA THR B 238 -10.94 13.01 13.14
C THR B 238 -11.66 11.67 13.08
N LYS B 239 -11.82 11.03 14.23
CA LYS B 239 -12.47 9.74 14.25
C LYS B 239 -13.75 9.67 13.42
N LYS B 240 -14.61 10.66 13.55
CA LYS B 240 -15.85 10.61 12.80
C LYS B 240 -15.63 10.70 11.28
N LEU B 241 -14.54 11.34 10.87
CA LEU B 241 -14.26 11.48 9.45
C LEU B 241 -13.89 10.12 8.92
N THR B 242 -12.94 9.49 9.60
CA THR B 242 -12.46 8.17 9.20
C THR B 242 -13.60 7.17 9.20
N LYS B 243 -14.41 7.16 10.25
CA LYS B 243 -15.52 6.24 10.30
C LYS B 243 -16.36 6.40 9.04
N SER B 244 -16.83 7.62 8.82
CA SER B 244 -17.66 7.91 7.64
C SER B 244 -17.08 7.27 6.41
N PHE B 245 -15.84 7.64 6.10
CA PHE B 245 -15.11 7.16 4.93
C PHE B 245 -14.97 5.66 4.76
N GLY B 246 -14.80 4.95 5.87
CA GLY B 246 -14.65 3.49 5.85
C GLY B 246 -13.27 2.94 6.22
N TRP B 247 -12.23 3.66 5.76
CA TRP B 247 -10.85 3.30 6.02
C TRP B 247 -10.49 3.66 7.44
N GLU B 248 -10.16 2.69 8.28
CA GLU B 248 -9.81 3.01 9.67
C GLU B 248 -8.57 2.32 10.23
N THR B 249 -7.88 1.55 9.39
CA THR B 249 -6.68 0.80 9.80
C THR B 249 -5.40 1.33 9.15
N LEU B 250 -4.24 0.77 9.52
CA LEU B 250 -2.96 1.22 8.96
C LEU B 250 -2.72 0.68 7.57
N ASP B 251 -2.88 -0.64 7.38
CA ASP B 251 -2.69 -1.20 6.05
C ASP B 251 -3.87 -0.86 5.14
N SER B 252 -4.71 0.05 5.62
CA SER B 252 -5.86 0.52 4.87
C SER B 252 -5.40 1.77 4.15
N PHE B 253 -4.63 2.60 4.82
CA PHE B 253 -4.13 3.81 4.18
C PHE B 253 -2.88 3.44 3.39
N MET B 254 -2.33 2.29 3.72
CA MET B 254 -1.13 1.81 3.04
C MET B 254 -1.47 1.29 1.65
N GLN B 255 -2.70 0.78 1.49
CA GLN B 255 -3.15 0.24 0.20
C GLN B 255 -3.70 1.31 -0.74
N HIS B 256 -3.47 2.57 -0.40
CA HIS B 256 -3.94 3.68 -1.22
C HIS B 256 -2.97 4.84 -1.21
N ASP B 257 -3.19 5.78 -2.13
CA ASP B 257 -2.33 6.94 -2.22
C ASP B 257 -3.05 8.27 -2.16
N VAL B 258 -2.42 9.23 -1.48
CA VAL B 258 -2.98 10.57 -1.33
C VAL B 258 -4.11 10.79 -2.33
N GLN B 259 -3.75 10.57 -3.59
CA GLN B 259 -4.60 10.72 -4.76
C GLN B 259 -6.02 10.16 -4.64
N GLU B 260 -6.18 8.88 -4.30
CA GLU B 260 -7.54 8.36 -4.18
C GLU B 260 -8.19 9.03 -2.97
N LEU B 261 -7.53 8.97 -1.83
CA LEU B 261 -8.08 9.54 -0.62
C LEU B 261 -8.50 10.97 -0.88
N CYS B 262 -7.92 11.59 -1.91
CA CYS B 262 -8.27 12.96 -2.23
C CYS B 262 -9.32 13.10 -3.33
N ARG B 263 -9.43 12.12 -4.20
CA ARG B 263 -10.45 12.19 -5.23
C ARG B 263 -11.70 11.63 -4.66
N VAL B 264 -11.57 10.56 -3.89
CA VAL B 264 -12.74 9.93 -3.29
C VAL B 264 -13.43 10.95 -2.38
N LEU B 265 -12.64 11.60 -1.55
CA LEU B 265 -13.21 12.57 -0.64
C LEU B 265 -13.78 13.75 -1.40
N LEU B 266 -12.94 14.49 -2.11
CA LEU B 266 -13.42 15.66 -2.82
C LEU B 266 -14.59 15.29 -3.67
N ASP B 267 -14.59 14.09 -4.20
CA ASP B 267 -15.68 13.61 -5.06
C ASP B 267 -16.94 13.35 -4.26
N ASN B 268 -16.79 12.81 -3.05
CA ASN B 268 -17.95 12.54 -2.21
C ASN B 268 -18.66 13.83 -1.86
N VAL B 269 -17.86 14.88 -1.74
CA VAL B 269 -18.36 16.20 -1.41
C VAL B 269 -19.13 16.82 -2.56
N GLU B 270 -18.52 16.87 -3.74
CA GLU B 270 -19.20 17.50 -4.84
C GLU B 270 -20.50 16.83 -5.20
N ASN B 271 -20.47 15.51 -5.32
CA ASN B 271 -21.67 14.79 -5.65
C ASN B 271 -22.79 15.21 -4.67
N LYS B 272 -22.39 15.86 -3.58
CA LYS B 272 -23.32 16.35 -2.56
C LYS B 272 -23.65 17.79 -2.87
N MET B 273 -22.71 18.51 -3.45
CA MET B 273 -22.92 19.90 -3.79
C MET B 273 -23.57 20.06 -5.14
N LYS B 274 -24.14 19.01 -5.70
CA LYS B 274 -24.70 19.15 -7.04
C LYS B 274 -25.94 20.04 -7.21
N GLY B 275 -26.98 19.84 -6.40
CA GLY B 275 -28.16 20.68 -6.56
C GLY B 275 -28.08 21.98 -5.79
N THR B 276 -26.88 22.51 -5.64
CA THR B 276 -26.71 23.74 -4.86
C THR B 276 -25.98 24.90 -5.50
N CYS B 277 -26.00 26.02 -4.80
CA CYS B 277 -25.39 27.27 -5.25
C CYS B 277 -23.89 27.21 -5.34
N VAL B 278 -23.33 26.07 -4.98
CA VAL B 278 -21.89 25.93 -5.02
C VAL B 278 -21.52 24.69 -5.76
N GLU B 279 -22.24 24.46 -6.86
CA GLU B 279 -22.02 23.31 -7.71
C GLU B 279 -20.81 23.50 -8.62
N GLY B 280 -20.07 22.41 -8.81
CA GLY B 280 -18.91 22.45 -9.68
C GLY B 280 -17.73 23.14 -9.05
N THR B 281 -17.82 23.37 -7.75
CA THR B 281 -16.75 24.04 -7.06
C THR B 281 -15.46 23.21 -7.05
N ILE B 282 -15.58 21.90 -7.24
CA ILE B 282 -14.41 21.02 -7.23
C ILE B 282 -13.77 20.78 -8.58
N PRO B 283 -14.55 20.89 -9.67
CA PRO B 283 -14.01 20.70 -11.02
C PRO B 283 -13.49 22.07 -11.46
N LYS B 284 -14.10 23.12 -10.92
CA LYS B 284 -13.68 24.47 -11.23
C LYS B 284 -12.37 24.73 -10.54
N LEU B 285 -12.10 23.94 -9.51
CA LEU B 285 -10.86 24.12 -8.76
C LEU B 285 -9.71 23.16 -9.04
N PHE B 286 -10.01 21.88 -9.29
CA PHE B 286 -8.93 20.91 -9.48
C PHE B 286 -8.82 20.17 -10.80
N ARG B 287 -9.92 20.08 -11.54
CA ARG B 287 -9.89 19.36 -12.83
C ARG B 287 -9.09 20.04 -13.94
N GLY B 288 -8.12 19.32 -14.49
CA GLY B 288 -7.33 19.85 -15.58
C GLY B 288 -7.63 19.02 -16.80
N LYS B 289 -7.21 19.46 -17.97
CA LYS B 289 -7.47 18.69 -19.18
C LYS B 289 -6.19 18.33 -19.90
N MET B 290 -6.04 17.07 -20.25
CA MET B 290 -4.85 16.61 -20.96
C MET B 290 -5.22 15.57 -22.00
N VAL B 291 -4.46 15.50 -23.08
CA VAL B 291 -4.73 14.50 -24.11
C VAL B 291 -3.50 13.63 -24.36
N SER B 292 -3.72 12.34 -24.53
CA SER B 292 -2.63 11.42 -24.75
C SER B 292 -2.67 10.87 -26.16
N TYR B 293 -1.66 11.18 -26.96
CA TYR B 293 -1.62 10.61 -28.31
C TYR B 293 -0.63 9.45 -28.38
N ILE B 294 -1.14 8.23 -28.50
CA ILE B 294 -0.29 7.03 -28.58
C ILE B 294 -0.32 6.46 -30.00
N GLN B 295 0.86 6.23 -30.57
CA GLN B 295 0.98 5.73 -31.95
C GLN B 295 1.74 4.42 -32.11
N CYS B 296 1.13 3.45 -32.79
CA CYS B 296 1.73 2.13 -33.01
C CYS B 296 2.82 2.05 -34.09
N LYS B 297 4.07 1.83 -33.67
CA LYS B 297 5.22 1.70 -34.57
C LYS B 297 5.08 0.72 -35.74
N GLU B 298 4.39 -0.38 -35.51
CA GLU B 298 4.24 -1.39 -36.54
C GLU B 298 2.88 -1.57 -37.21
N VAL B 299 1.80 -1.59 -36.47
CA VAL B 299 0.53 -1.71 -37.16
C VAL B 299 -0.09 -0.33 -37.26
N ASP B 300 -1.13 -0.21 -38.07
CA ASP B 300 -1.84 1.05 -38.24
C ASP B 300 -2.78 1.14 -37.06
N TYR B 301 -2.37 1.92 -36.07
CA TYR B 301 -3.20 2.09 -34.90
C TYR B 301 -2.61 3.12 -33.97
N ARG B 302 -3.48 3.99 -33.51
CA ARG B 302 -3.10 5.03 -32.58
C ARG B 302 -4.38 5.21 -31.80
N SER B 303 -4.37 6.05 -30.78
CA SER B 303 -5.57 6.27 -29.99
C SER B 303 -5.41 7.44 -29.06
N ASP B 304 -5.98 8.58 -29.41
CA ASP B 304 -5.85 9.68 -28.48
C ASP B 304 -7.02 9.66 -27.53
N ARG B 305 -6.71 9.65 -26.24
CA ARG B 305 -7.72 9.65 -25.22
C ARG B 305 -7.58 10.93 -24.41
N ARG B 306 -8.65 11.73 -24.43
CA ARG B 306 -8.76 13.00 -23.71
C ARG B 306 -9.11 12.62 -22.28
N GLU B 307 -8.41 13.19 -21.31
CA GLU B 307 -8.67 12.83 -19.92
C GLU B 307 -8.70 13.96 -18.89
N ASP B 308 -9.54 13.79 -17.89
CA ASP B 308 -9.68 14.75 -16.82
C ASP B 308 -8.69 14.33 -15.77
N TYR B 309 -7.95 15.30 -15.23
CA TYR B 309 -6.97 14.99 -14.21
C TYR B 309 -7.06 16.02 -13.13
N TYR B 310 -7.14 15.58 -11.87
CA TYR B 310 -7.24 16.51 -10.74
C TYR B 310 -5.92 16.54 -9.99
N ASP B 311 -4.99 15.73 -10.45
CA ASP B 311 -3.69 15.64 -9.81
C ASP B 311 -2.66 15.21 -10.81
N ILE B 312 -1.41 15.56 -10.56
CA ILE B 312 -0.33 15.17 -11.44
C ILE B 312 0.68 14.37 -10.66
N GLN B 313 1.12 13.25 -11.24
CA GLN B 313 2.09 12.39 -10.57
C GLN B 313 3.40 12.41 -11.34
N LEU B 314 4.31 13.27 -10.90
CA LEU B 314 5.63 13.45 -11.53
C LEU B 314 6.72 12.41 -11.21
N SER B 315 7.59 12.18 -12.19
CA SER B 315 8.70 11.26 -12.07
C SER B 315 9.88 12.07 -11.55
N ILE B 316 10.78 11.43 -10.81
CA ILE B 316 11.93 12.13 -10.26
C ILE B 316 13.27 11.44 -10.34
N LYS B 317 13.27 10.10 -10.39
CA LYS B 317 14.49 9.31 -10.42
C LYS B 317 15.72 9.99 -11.04
N GLY B 318 15.67 10.34 -12.33
CA GLY B 318 16.82 10.96 -12.96
C GLY B 318 16.64 12.42 -13.25
N LYS B 319 15.81 13.09 -12.47
CA LYS B 319 15.55 14.51 -12.67
C LYS B 319 16.19 15.39 -11.59
N LYS B 320 15.94 16.70 -11.66
CA LYS B 320 16.51 17.65 -10.69
C LYS B 320 15.53 18.72 -10.23
N ASN B 321 14.79 19.28 -11.19
CA ASN B 321 13.81 20.31 -10.91
C ASN B 321 12.45 19.89 -11.44
N ILE B 322 11.39 20.46 -10.87
CA ILE B 322 10.06 20.11 -11.33
C ILE B 322 10.08 20.32 -12.83
N PHE B 323 10.90 21.27 -13.26
CA PHE B 323 11.06 21.56 -14.67
C PHE B 323 11.40 20.26 -15.42
N GLU B 324 12.58 19.71 -15.17
CA GLU B 324 13.00 18.49 -15.85
C GLU B 324 11.87 17.47 -15.83
N SER B 325 11.26 17.30 -14.67
CA SER B 325 10.16 16.34 -14.50
C SER B 325 9.00 16.61 -15.43
N PHE B 326 8.74 17.88 -15.72
CA PHE B 326 7.65 18.18 -16.58
C PHE B 326 7.95 17.89 -18.02
N VAL B 327 9.06 18.41 -18.54
CA VAL B 327 9.31 18.14 -19.94
C VAL B 327 9.47 16.64 -20.17
N ASP B 328 10.02 15.93 -19.20
CA ASP B 328 10.16 14.48 -19.33
C ASP B 328 8.75 13.87 -19.38
N TYR B 329 7.77 14.57 -18.83
CA TYR B 329 6.39 14.10 -18.83
C TYR B 329 5.83 14.38 -20.22
N VAL B 330 6.16 15.56 -20.75
CA VAL B 330 5.69 15.91 -22.09
C VAL B 330 6.66 15.50 -23.19
N ALA B 331 7.78 14.91 -22.79
CA ALA B 331 8.75 14.45 -23.77
C ALA B 331 8.10 13.28 -24.47
N VAL B 332 8.43 13.06 -25.73
CA VAL B 332 7.82 11.94 -26.42
C VAL B 332 8.45 10.67 -25.86
N GLU B 333 7.59 9.74 -25.46
CA GLU B 333 8.03 8.47 -24.89
C GLU B 333 7.97 7.32 -25.89
N GLN B 334 8.90 6.40 -25.75
CA GLN B 334 9.00 5.23 -26.61
C GLN B 334 8.52 3.99 -25.86
N LEU B 335 7.47 3.35 -26.35
CA LEU B 335 6.94 2.14 -25.73
C LEU B 335 7.58 0.96 -26.44
N ASP B 336 8.83 1.22 -26.85
CA ASP B 336 9.74 0.33 -27.55
C ASP B 336 10.41 -0.55 -26.49
N GLY B 337 10.09 -1.83 -26.49
CA GLY B 337 10.68 -2.73 -25.52
C GLY B 337 9.63 -3.70 -25.01
N ASP B 338 10.07 -4.85 -24.53
CA ASP B 338 9.13 -5.86 -24.03
C ASP B 338 8.54 -5.44 -22.69
N ASN B 339 9.23 -4.52 -22.02
CA ASN B 339 8.82 -4.04 -20.72
C ASN B 339 7.67 -3.03 -20.74
N LYS B 340 7.65 -2.16 -21.75
CA LYS B 340 6.58 -1.17 -21.85
C LYS B 340 5.75 -1.23 -23.13
N TYR B 341 5.57 -2.43 -23.67
CA TYR B 341 4.74 -2.65 -24.85
C TYR B 341 3.34 -2.08 -24.54
N ASP B 342 2.56 -1.71 -25.55
CA ASP B 342 1.22 -1.13 -25.32
C ASP B 342 0.07 -2.16 -25.28
N ALA B 343 -0.82 -2.04 -24.31
CA ALA B 343 -1.92 -3.00 -24.12
C ALA B 343 -3.10 -3.03 -25.11
N GLY B 344 -3.11 -2.13 -26.08
CA GLY B 344 -4.22 -2.04 -27.03
C GLY B 344 -4.74 -3.25 -27.82
N GLU B 345 -5.79 -3.91 -27.30
CA GLU B 345 -6.45 -5.10 -27.90
C GLU B 345 -5.78 -5.79 -29.07
N HIS B 346 -5.52 -5.04 -30.15
CA HIS B 346 -4.86 -5.59 -31.32
C HIS B 346 -3.68 -6.44 -30.87
N GLY B 347 -3.33 -6.34 -29.61
CA GLY B 347 -2.21 -7.08 -29.07
C GLY B 347 -1.25 -6.05 -28.56
N LEU B 348 -0.55 -6.34 -27.48
CA LEU B 348 0.38 -5.38 -26.96
C LEU B 348 1.41 -5.15 -28.05
N GLN B 349 1.29 -4.03 -28.70
CA GLN B 349 2.18 -3.61 -29.76
C GLN B 349 3.15 -2.55 -29.27
N GLU B 350 4.22 -2.34 -29.97
CA GLU B 350 5.16 -1.31 -29.55
C GLU B 350 4.71 -0.05 -30.19
N ALA B 351 4.79 1.05 -29.45
CA ALA B 351 4.33 2.31 -29.96
C ALA B 351 5.09 3.49 -29.38
N GLU B 352 4.62 4.69 -29.70
CA GLU B 352 5.19 5.94 -29.20
C GLU B 352 4.02 6.68 -28.59
N LYS B 353 4.26 7.46 -27.55
CA LYS B 353 3.19 8.23 -26.94
C LYS B 353 3.71 9.56 -26.43
N GLY B 354 2.84 10.56 -26.48
CA GLY B 354 3.18 11.88 -26.00
C GLY B 354 1.93 12.44 -25.35
N VAL B 355 2.10 13.18 -24.28
CA VAL B 355 0.95 13.73 -23.60
C VAL B 355 1.08 15.23 -23.48
N LYS B 356 -0.01 15.94 -23.71
CA LYS B 356 0.02 17.38 -23.63
C LYS B 356 -1.13 17.94 -22.81
N PHE B 357 -0.85 19.05 -22.13
CA PHE B 357 -1.83 19.72 -21.29
C PHE B 357 -2.59 20.76 -22.09
N LEU B 358 -3.90 20.81 -21.89
CA LEU B 358 -4.72 21.80 -22.56
C LEU B 358 -4.94 22.90 -21.55
N THR B 359 -5.40 22.50 -20.38
CA THR B 359 -5.65 23.42 -19.29
C THR B 359 -5.00 22.94 -17.99
N LEU B 360 -4.69 23.89 -17.12
CA LEU B 360 -4.08 23.62 -15.82
C LEU B 360 -4.95 24.23 -14.71
N PRO B 361 -5.50 23.38 -13.83
CA PRO B 361 -6.35 23.83 -12.73
C PRO B 361 -5.84 25.05 -12.00
N PRO B 362 -6.74 25.74 -11.30
CA PRO B 362 -6.44 26.94 -10.53
C PRO B 362 -5.47 26.55 -9.45
N VAL B 363 -5.71 25.38 -8.87
CA VAL B 363 -4.86 24.84 -7.82
C VAL B 363 -4.34 23.43 -8.23
N LEU B 364 -3.02 23.34 -8.35
CA LEU B 364 -2.30 22.14 -8.77
C LEU B 364 -1.90 21.13 -7.72
N HIS B 365 -2.24 19.87 -7.98
CA HIS B 365 -1.91 18.75 -7.08
C HIS B 365 -0.83 17.91 -7.79
N LEU B 366 0.44 18.17 -7.47
CA LEU B 366 1.55 17.45 -8.08
C LEU B 366 2.22 16.52 -7.08
N GLN B 367 1.90 15.24 -7.14
CA GLN B 367 2.50 14.30 -6.22
C GLN B 367 3.74 13.67 -6.83
N LEU B 368 4.87 13.84 -6.16
CA LEU B 368 6.17 13.34 -6.61
C LEU B 368 6.36 11.87 -6.34
N MET B 369 6.57 11.09 -7.41
CA MET B 369 6.75 9.63 -7.29
C MET B 369 8.03 9.18 -6.59
N ARG B 370 8.17 9.49 -5.31
CA ARG B 370 9.36 9.10 -4.56
C ARG B 370 9.20 7.68 -4.08
N PHE B 371 7.96 7.29 -3.84
CA PHE B 371 7.65 5.94 -3.40
C PHE B 371 7.44 5.06 -4.61
N MET B 372 8.53 4.57 -5.18
CA MET B 372 8.43 3.73 -6.35
C MET B 372 9.08 2.38 -6.11
N TYR B 373 8.43 1.32 -6.54
CA TYR B 373 8.99 -0.02 -6.39
C TYR B 373 9.76 -0.38 -7.66
N ASP B 374 11.08 -0.26 -7.59
CA ASP B 374 11.93 -0.67 -8.71
C ASP B 374 12.18 -2.06 -8.22
N PRO B 375 12.67 -2.97 -9.06
CA PRO B 375 12.69 -4.08 -8.13
C PRO B 375 13.92 -4.79 -7.61
N GLN B 376 13.94 -4.84 -6.28
CA GLN B 376 14.91 -5.57 -5.50
C GLN B 376 13.79 -6.58 -5.22
N THR B 377 12.75 -6.41 -6.04
CA THR B 377 11.49 -7.16 -6.06
C THR B 377 11.20 -7.77 -4.70
N ASP B 378 11.54 -6.98 -3.71
CA ASP B 378 11.40 -7.29 -2.31
C ASP B 378 11.06 -5.93 -1.72
N GLN B 379 9.76 -5.67 -1.57
CA GLN B 379 9.22 -4.43 -1.03
C GLN B 379 9.21 -3.25 -1.99
N ASN B 380 8.60 -2.17 -1.52
CA ASN B 380 8.49 -0.92 -2.26
C ASN B 380 9.49 -0.04 -1.52
N ILE B 381 9.95 1.04 -2.15
CA ILE B 381 10.91 1.90 -1.49
C ILE B 381 10.64 3.39 -1.72
N LYS B 382 11.41 4.19 -1.05
CA LYS B 382 11.38 5.64 -1.19
C LYS B 382 12.68 6.16 -1.79
N ILE B 383 12.62 6.93 -2.85
CA ILE B 383 13.83 7.40 -3.52
C ILE B 383 14.28 8.76 -3.01
N ASN B 384 14.64 8.80 -1.73
CA ASN B 384 15.10 10.02 -1.04
C ASN B 384 16.15 10.89 -1.75
N ASP B 385 16.58 10.49 -2.94
CA ASP B 385 17.57 11.26 -3.69
C ASP B 385 17.14 12.72 -3.74
N ARG B 386 17.98 13.60 -4.28
CA ARG B 386 17.62 15.01 -4.34
C ARG B 386 16.74 15.43 -5.51
N PHE B 387 15.95 16.46 -5.28
CA PHE B 387 15.05 17.00 -6.28
C PHE B 387 14.49 18.30 -5.71
N GLU B 388 14.33 19.30 -6.56
CA GLU B 388 13.83 20.56 -6.06
C GLU B 388 12.68 21.16 -6.84
N PHE B 389 11.85 21.88 -6.09
CA PHE B 389 10.67 22.55 -6.58
C PHE B 389 10.82 24.02 -6.27
N PRO B 390 10.31 24.88 -7.14
CA PRO B 390 10.41 26.33 -6.90
C PRO B 390 9.23 26.88 -6.12
N GLU B 391 9.42 28.04 -5.50
CA GLU B 391 8.32 28.64 -4.76
C GLU B 391 7.33 29.08 -5.86
N GLN B 392 7.87 29.76 -6.87
CA GLN B 392 7.10 30.26 -7.98
C GLN B 392 7.39 29.33 -9.13
N LEU B 393 6.34 28.91 -9.83
CA LEU B 393 6.47 27.96 -10.92
C LEU B 393 5.82 28.31 -12.25
N PRO B 394 6.61 28.81 -13.21
CA PRO B 394 6.02 29.14 -14.51
C PRO B 394 5.78 27.79 -15.19
N LEU B 395 4.61 27.62 -15.78
CA LEU B 395 4.31 26.36 -16.45
C LEU B 395 3.71 26.63 -17.82
N ASP B 396 3.61 27.91 -18.15
CA ASP B 396 3.04 28.36 -19.41
C ASP B 396 3.55 27.55 -20.61
N GLU B 397 4.83 27.17 -20.56
CA GLU B 397 5.46 26.43 -21.65
C GLU B 397 5.21 24.94 -21.72
N PHE B 398 4.11 24.47 -21.13
CA PHE B 398 3.80 23.05 -21.17
C PHE B 398 2.45 22.79 -21.78
N LEU B 399 1.67 23.87 -21.94
CA LEU B 399 0.36 23.73 -22.53
C LEU B 399 0.53 23.66 -24.04
N GLN B 400 -0.59 23.69 -24.74
CA GLN B 400 -0.61 23.66 -26.19
C GLN B 400 -0.71 25.14 -26.54
N LYS B 401 -1.87 25.60 -26.98
CA LYS B 401 -2.03 27.01 -27.28
C LYS B 401 -1.95 27.65 -25.90
N THR B 402 -1.51 28.90 -25.82
CA THR B 402 -1.42 29.55 -24.51
C THR B 402 -2.52 30.60 -24.34
N ASP B 403 -2.17 31.74 -23.74
CA ASP B 403 -3.12 32.81 -23.53
C ASP B 403 -2.50 33.96 -22.75
N PRO B 404 -1.97 34.96 -23.47
CA PRO B 404 -1.31 36.16 -22.94
C PRO B 404 -2.08 36.90 -21.86
N LYS B 405 -3.27 36.43 -21.55
CA LYS B 405 -4.08 37.06 -20.52
C LYS B 405 -3.97 36.30 -19.21
N ASP B 406 -4.14 34.97 -19.27
CA ASP B 406 -4.07 34.13 -18.07
C ASP B 406 -2.88 33.19 -18.09
N PRO B 407 -1.67 33.72 -17.86
CA PRO B 407 -0.46 32.91 -17.85
C PRO B 407 -0.54 31.81 -16.79
N ALA B 408 0.09 30.66 -17.08
CA ALA B 408 0.11 29.54 -16.15
C ALA B 408 1.34 29.58 -15.27
N ASN B 409 1.35 30.51 -14.32
CA ASN B 409 2.45 30.65 -13.37
C ASN B 409 1.86 30.28 -12.02
N TYR B 410 2.52 29.38 -11.31
CA TYR B 410 2.00 28.94 -10.03
C TYR B 410 2.84 29.27 -8.80
N ILE B 411 2.16 29.52 -7.68
CA ILE B 411 2.83 29.85 -6.43
C ILE B 411 2.65 28.72 -5.42
N LEU B 412 3.77 28.25 -4.85
CA LEU B 412 3.73 27.17 -3.88
C LEU B 412 2.89 27.55 -2.66
N HIS B 413 2.00 26.64 -2.29
CA HIS B 413 1.08 26.83 -1.17
C HIS B 413 1.32 25.82 -0.05
N ALA B 414 1.47 24.56 -0.42
CA ALA B 414 1.71 23.50 0.56
C ALA B 414 2.65 22.43 0.01
N VAL B 415 3.41 21.81 0.89
CA VAL B 415 4.34 20.78 0.50
C VAL B 415 4.34 19.66 1.54
N LEU B 416 3.62 18.58 1.23
CA LEU B 416 3.50 17.42 2.11
C LEU B 416 4.77 16.61 2.15
N VAL B 417 5.24 16.41 3.38
CA VAL B 417 6.48 15.73 3.65
C VAL B 417 6.34 14.41 4.40
N HIS B 418 7.32 13.53 4.21
CA HIS B 418 7.31 12.23 4.87
C HIS B 418 8.68 11.82 5.35
N SER B 419 8.72 11.30 6.58
CA SER B 419 9.95 10.84 7.21
C SER B 419 10.00 9.32 7.18
N GLY B 420 11.21 8.77 7.27
CA GLY B 420 11.40 7.32 7.25
C GLY B 420 11.28 6.75 5.84
N ASP B 421 11.14 5.43 5.72
CA ASP B 421 11.00 4.78 4.40
C ASP B 421 9.92 3.71 4.50
N ASN B 422 8.65 4.12 4.52
CA ASN B 422 7.54 3.17 4.63
C ASN B 422 7.58 2.67 6.07
N HIS B 423 7.33 1.37 6.23
CA HIS B 423 7.37 0.68 7.52
C HIS B 423 8.32 1.45 8.46
N GLY B 424 7.81 2.54 9.02
CA GLY B 424 8.59 3.42 9.89
C GLY B 424 8.53 4.85 9.36
N GLY B 425 7.31 5.37 9.17
CA GLY B 425 7.13 6.72 8.64
C GLY B 425 6.11 7.59 9.36
N HIS B 426 6.48 8.85 9.56
CA HIS B 426 5.67 9.86 10.26
C HIS B 426 5.52 11.08 9.34
N TYR B 427 4.30 11.41 8.95
CA TYR B 427 4.08 12.54 8.04
C TYR B 427 3.86 13.90 8.67
N VAL B 428 4.08 14.92 7.84
CA VAL B 428 3.95 16.31 8.25
C VAL B 428 3.63 17.09 6.97
N VAL B 429 3.12 18.31 7.13
CA VAL B 429 2.84 19.14 5.96
C VAL B 429 3.15 20.61 6.23
N TYR B 430 3.78 21.23 5.23
CA TYR B 430 4.17 22.63 5.29
C TYR B 430 3.28 23.48 4.41
N LEU B 431 2.83 24.62 4.94
CA LEU B 431 1.96 25.51 4.19
C LEU B 431 2.19 26.95 4.61
N ASN B 432 1.75 27.86 3.76
CA ASN B 432 1.76 29.30 4.04
C ASN B 432 0.35 29.67 3.58
N PRO B 433 -0.63 29.33 4.43
CA PRO B 433 -2.06 29.51 4.28
C PRO B 433 -2.58 30.56 3.32
N LYS B 434 -1.96 31.72 3.30
CA LYS B 434 -2.47 32.76 2.43
C LYS B 434 -1.57 33.24 1.30
N GLY B 435 -0.75 32.36 0.77
CA GLY B 435 0.12 32.74 -0.34
C GLY B 435 0.82 34.08 -0.19
N ASP B 436 1.64 34.21 0.84
CA ASP B 436 2.39 35.42 1.13
C ASP B 436 3.81 35.05 1.51
N GLY B 437 4.02 33.75 1.74
CA GLY B 437 5.35 33.28 2.09
C GLY B 437 5.62 33.04 3.55
N LYS B 438 4.75 33.55 4.43
CA LYS B 438 4.91 33.38 5.87
C LYS B 438 4.47 31.94 6.20
N TRP B 439 5.42 31.01 6.24
CA TRP B 439 5.08 29.60 6.48
C TRP B 439 4.86 29.11 7.89
N CYS B 440 4.16 27.99 7.99
CA CYS B 440 3.83 27.31 9.25
C CYS B 440 3.87 25.81 9.00
N LYS B 441 4.53 25.08 9.90
CA LYS B 441 4.62 23.64 9.78
C LYS B 441 3.50 23.00 10.58
N PHE B 442 2.78 22.07 9.97
CA PHE B 442 1.69 21.38 10.63
C PHE B 442 2.09 19.94 10.89
N ASP B 443 2.41 19.65 12.16
CA ASP B 443 2.85 18.33 12.59
C ASP B 443 1.86 17.70 13.53
N ASP B 444 0.59 17.80 13.18
CA ASP B 444 -0.50 17.23 13.97
C ASP B 444 -1.03 18.10 15.09
N ASP B 445 -0.73 17.74 16.34
CA ASP B 445 -1.22 18.53 17.46
C ASP B 445 -0.29 19.71 17.65
N VAL B 446 0.78 19.71 16.86
CA VAL B 446 1.76 20.75 16.99
C VAL B 446 2.01 21.59 15.75
N VAL B 447 1.33 22.74 15.68
CA VAL B 447 1.54 23.62 14.56
C VAL B 447 2.48 24.69 15.05
N SER B 448 3.56 24.95 14.32
CA SER B 448 4.52 25.98 14.69
C SER B 448 4.91 26.78 13.47
N ARG B 449 5.73 27.81 13.67
CA ARG B 449 6.16 28.63 12.55
C ARG B 449 7.47 28.07 12.00
N CYS B 450 7.83 28.48 10.78
CA CYS B 450 9.06 28.01 10.15
C CYS B 450 9.50 28.96 9.05
N THR B 451 10.76 28.80 8.61
CA THR B 451 11.31 29.67 7.58
C THR B 451 11.02 29.18 6.16
N LYS B 452 11.32 30.03 5.18
CA LYS B 452 11.08 29.68 3.78
C LYS B 452 11.97 28.51 3.40
N GLU B 453 13.16 28.47 3.98
CA GLU B 453 14.11 27.40 3.73
C GLU B 453 13.69 26.10 4.44
N GLU B 454 13.18 26.23 5.66
CA GLU B 454 12.76 25.05 6.41
C GLU B 454 11.56 24.31 5.79
N ALA B 455 10.84 24.98 4.89
CA ALA B 455 9.66 24.40 4.24
C ALA B 455 9.92 23.90 2.82
N ILE B 456 10.75 24.62 2.08
CA ILE B 456 11.07 24.22 0.72
C ILE B 456 12.44 23.57 0.67
N GLU B 457 13.45 24.41 0.49
CA GLU B 457 14.84 24.07 0.39
C GLU B 457 15.32 22.98 1.36
N HIS B 458 14.72 22.90 2.54
CA HIS B 458 15.11 21.90 3.54
C HIS B 458 14.27 20.63 3.44
N ASN B 459 13.65 20.45 2.27
CA ASN B 459 12.82 19.29 1.98
C ASN B 459 13.25 18.75 0.63
N TYR B 460 14.11 19.52 -0.04
CA TYR B 460 14.58 19.12 -1.35
C TYR B 460 15.12 17.70 -1.43
N GLY B 461 15.49 17.11 -0.29
CA GLY B 461 16.02 15.75 -0.29
C GLY B 461 17.53 15.64 -0.20
N CYS B 472 14.23 10.33 6.37
CA CYS B 472 14.38 10.97 5.07
C CYS B 472 13.23 11.92 4.73
N THR B 473 13.00 12.91 5.59
CA THR B 473 11.94 13.89 5.36
C THR B 473 12.16 14.68 4.07
N ASN B 474 11.43 14.27 3.02
CA ASN B 474 11.48 14.89 1.70
C ASN B 474 10.03 15.15 1.27
N ALA B 475 9.82 15.74 0.10
CA ALA B 475 8.46 16.02 -0.34
C ALA B 475 7.95 14.99 -1.34
N TYR B 476 6.69 14.58 -1.19
CA TYR B 476 6.10 13.61 -2.11
C TYR B 476 4.94 14.22 -2.88
N MET B 477 4.48 15.40 -2.45
CA MET B 477 3.37 16.10 -3.09
C MET B 477 3.40 17.59 -2.82
N LEU B 478 3.26 18.38 -3.88
CA LEU B 478 3.29 19.82 -3.74
C LEU B 478 1.97 20.45 -4.15
N VAL B 479 1.66 21.60 -3.59
CA VAL B 479 0.42 22.22 -3.98
C VAL B 479 0.69 23.63 -4.46
N TYR B 480 0.51 23.83 -5.76
CA TYR B 480 0.72 25.13 -6.36
C TYR B 480 -0.63 25.72 -6.71
N ILE B 481 -0.70 27.04 -6.76
CA ILE B 481 -1.91 27.77 -7.11
C ILE B 481 -1.53 28.85 -8.11
N ARG B 482 -2.38 29.05 -9.11
CA ARG B 482 -2.17 30.03 -10.18
C ARG B 482 -2.04 31.48 -9.70
N GLU B 483 -1.05 32.19 -10.25
CA GLU B 483 -0.81 33.57 -9.84
C GLU B 483 -2.05 34.44 -9.95
N SER B 484 -2.90 34.16 -10.93
CA SER B 484 -4.11 34.95 -11.16
C SER B 484 -5.31 34.58 -10.28
N LYS B 485 -5.38 33.33 -9.88
CA LYS B 485 -6.49 32.86 -9.06
C LYS B 485 -6.22 33.07 -7.57
N LEU B 486 -4.97 33.40 -7.24
CA LEU B 486 -4.55 33.62 -5.86
C LEU B 486 -5.65 34.23 -5.01
N SER B 487 -5.89 35.52 -5.24
CA SER B 487 -6.90 36.25 -4.49
C SER B 487 -8.25 35.55 -4.34
N GLU B 488 -8.77 34.93 -5.39
CA GLU B 488 -10.05 34.27 -5.21
C GLU B 488 -9.96 32.96 -4.44
N VAL B 489 -9.05 32.08 -4.80
CA VAL B 489 -8.93 30.80 -4.10
C VAL B 489 -8.80 31.04 -2.60
N LEU B 490 -7.85 31.90 -2.26
CA LEU B 490 -7.56 32.24 -0.87
C LEU B 490 -8.47 33.30 -0.23
N GLN B 491 -9.67 33.48 -0.79
CA GLN B 491 -10.64 34.43 -0.26
C GLN B 491 -10.54 34.37 1.24
N ALA B 492 -10.85 35.48 1.90
CA ALA B 492 -10.82 35.53 3.36
C ALA B 492 -12.08 34.83 3.83
N VAL B 493 -11.97 33.94 4.81
CA VAL B 493 -13.14 33.23 5.30
C VAL B 493 -13.52 33.73 6.69
N THR B 494 -14.78 34.14 6.85
CA THR B 494 -15.30 34.68 8.09
C THR B 494 -16.35 33.76 8.69
N ASP B 495 -16.50 33.83 10.01
CA ASP B 495 -17.48 33.00 10.73
C ASP B 495 -18.87 33.39 10.25
N HIS B 496 -18.88 34.30 9.28
CA HIS B 496 -20.09 34.80 8.64
C HIS B 496 -20.41 33.80 7.55
N ASP B 497 -19.41 33.51 6.72
CA ASP B 497 -19.54 32.60 5.58
C ASP B 497 -19.86 31.18 6.01
N ILE B 498 -20.46 31.00 7.18
CA ILE B 498 -20.81 29.68 7.66
C ILE B 498 -22.27 29.64 8.10
N PRO B 499 -23.12 28.97 7.33
CA PRO B 499 -24.56 28.86 7.63
C PRO B 499 -24.87 28.57 9.08
N GLN B 500 -25.65 29.45 9.70
CA GLN B 500 -26.03 29.31 11.10
C GLN B 500 -26.56 27.90 11.45
N GLN B 501 -27.63 27.49 10.76
CA GLN B 501 -28.28 26.20 10.97
C GLN B 501 -27.33 25.01 11.02
N LEU B 502 -26.14 25.19 10.44
CA LEU B 502 -25.07 24.18 10.42
C LEU B 502 -24.29 24.42 11.70
N VAL B 503 -23.96 25.69 11.93
CA VAL B 503 -23.21 26.05 13.11
C VAL B 503 -23.96 25.54 14.34
N GLU B 504 -25.28 25.56 14.28
CA GLU B 504 -26.04 25.07 15.43
C GLU B 504 -25.79 23.58 15.61
N ARG B 505 -26.12 22.78 14.59
CA ARG B 505 -25.94 21.33 14.69
C ARG B 505 -24.64 20.91 15.35
N LEU B 506 -23.56 21.54 14.91
CA LEU B 506 -22.26 21.23 15.44
C LEU B 506 -22.12 21.49 16.93
N GLN B 507 -22.11 22.74 17.33
CA GLN B 507 -21.95 23.07 18.73
C GLN B 507 -22.88 22.26 19.64
N GLU B 508 -23.92 21.64 19.06
CA GLU B 508 -24.88 20.82 19.83
C GLU B 508 -24.38 19.39 20.04
N GLU B 509 -23.53 18.93 19.13
CA GLU B 509 -22.96 17.60 19.28
C GLU B 509 -21.96 17.82 20.41
N LYS B 510 -21.11 18.82 20.23
CA LYS B 510 -20.11 19.18 21.22
C LYS B 510 -20.79 19.20 22.59
N ARG B 511 -21.99 19.77 22.66
CA ARG B 511 -22.74 19.83 23.90
C ARG B 511 -23.08 18.42 24.38
N ILE B 512 -23.94 17.74 23.65
CA ILE B 512 -24.36 16.40 24.01
C ILE B 512 -23.20 15.42 24.18
N GLU B 513 -22.00 15.86 23.80
CA GLU B 513 -20.84 15.01 23.96
C GLU B 513 -20.29 15.24 25.37
N ALA B 514 -21.20 15.08 26.32
CA ALA B 514 -20.90 15.21 27.74
C ALA B 514 -20.47 13.82 28.19
N GLN B 515 -19.15 13.61 28.24
CA GLN B 515 -18.58 12.33 28.64
C GLN B 515 -18.57 12.11 30.16
#